data_9ECE
#
_entry.id   9ECE
#
_cell.length_a   1.00
_cell.length_b   1.00
_cell.length_c   1.00
_cell.angle_alpha   90.00
_cell.angle_beta   90.00
_cell.angle_gamma   90.00
#
_symmetry.space_group_name_H-M   'P 1'
#
loop_
_entity.id
_entity.type
_entity.pdbx_description
1 polymer EsCas13d
2 polymer crRNA
3 polymer 'Target RNA with C4A mismatch'
4 non-polymer 'MAGNESIUM ION'
#
loop_
_entity_poly.entity_id
_entity_poly.type
_entity_poly.pdbx_seq_one_letter_code
_entity_poly.pdbx_strand_id
1 'polypeptide(L)'
;MGKKIHARDLREQRKTDRTEKFADQNKKREAERAVPKKDAAVSVKSVSSVSSKKDNVTKSMAKAAGVKSVFAVGNTVYMT
SFGRGNDAVLEQKIVDTSHEPLNIDDPAYQLNVVTMNGYSVTGHRGETVSAVTDNPLRRFNGRKKDEPEQSVPTDMLCLK
PTLEKKFFGKEFDDNIHIQLIYNILDIEKILAVYSTNAIYALNNMSADENIENSDFFMKRTTDETFDDFEKKKESTNSRE
KADFDAFEKFIGNYRLAYFADAFYVNKKNPKGKAKNVLREDKELYSVLTLIGKLRHWCVHSEEGRAEFWLYKLDELKDDF
KNVLDVVYNRPVEEINNRFIENNKVNIQILGSVYKNTDIAELVRSYYEFLITKKYKNMGFSIKKLRESMLEGKGYADKEY
DSVRNKLYQMTDFILYTGYINEDSDRADDLVNTLRSSLKEDDKTTVYCKEADYLWKKYRESIREVADALDGDNIKKLSKS
NIEIQEDKLRKCFISYADSVSEFTKLIYLLTRFLSGKEINDLVTTLINKFDNIRSFLEIMDELGLDRTFTAEYSFFEGST
KYLAELVELNSFVKSCSFDINAKRTMYRDALDILGIESDKTEEDIEKMIDNILQIDANGDKKLKKNNGLRNFIASNVIDS
NRFKYLVRYGNPKKIRETAKCKPAVRFVLNEIPDAQIERYYEACCPKNTALCSANKRREKLADMIAEIKFENFSDAGNYQ
KANVTSRTSEAEIKRKNQAIIRLYLTVMYIMLKNLVNVNARYVIAFHCVERDTKLYAESGLEVGNIEKNKTNLTMAVMGV
KLENGIIKTEFDKSFAENAANRYLRNARWYKLILDNLKKSERAVVNEFRNTVCHLNAIRNININIKEIKEVENYFALYHY
LIQKHLENRFADKKVERDTGDFISKLEEHKTYCKDFVKAYCTPFGYNLVRYKNLTIDGLFDKNYPGKDDSDEQK
;
A
2 'polyribonucleotide' CACCCGUGCAAAAAUGCAGGGGUCUAAAACUGAGCGGAUAACCUCUCUAUGG B
3 'polyribonucleotide' CGUACCAUAGAGAGGUUAUCCGAUCACCGA C
#
loop_
_chem_comp.id
_chem_comp.type
_chem_comp.name
_chem_comp.formula
A RNA linking ADENOSINE-5'-MONOPHOSPHATE 'C10 H14 N5 O7 P'
C RNA linking CYTIDINE-5'-MONOPHOSPHATE 'C9 H14 N3 O8 P'
G RNA linking GUANOSINE-5'-MONOPHOSPHATE 'C10 H14 N5 O8 P'
MG non-polymer 'MAGNESIUM ION' 'Mg 2'
U RNA linking URIDINE-5'-MONOPHOSPHATE 'C9 H13 N2 O9 P'
#
# COMPACT_ATOMS: atom_id res chain seq x y z
N THR A 58 6.01 -19.82 -14.09
CA THR A 58 4.69 -20.36 -13.80
C THR A 58 4.45 -20.42 -12.29
N LYS A 59 3.19 -20.55 -11.90
CA LYS A 59 2.84 -20.61 -10.50
C LYS A 59 3.17 -21.98 -9.92
N SER A 60 3.07 -22.08 -8.59
CA SER A 60 3.37 -23.32 -7.91
C SER A 60 2.33 -24.38 -8.22
N MET A 61 2.79 -25.57 -8.58
CA MET A 61 1.86 -26.65 -8.89
C MET A 61 1.23 -27.22 -7.62
N ALA A 62 1.95 -27.20 -6.50
CA ALA A 62 1.39 -27.68 -5.24
C ALA A 62 0.21 -26.81 -4.80
N LYS A 63 0.34 -25.49 -4.96
CA LYS A 63 -0.77 -24.60 -4.62
C LYS A 63 -1.98 -24.86 -5.50
N ALA A 64 -1.76 -25.06 -6.80
CA ALA A 64 -2.86 -25.35 -7.70
C ALA A 64 -3.50 -26.70 -7.41
N ALA A 65 -2.72 -27.66 -6.92
CA ALA A 65 -3.26 -28.96 -6.57
C ALA A 65 -4.21 -28.89 -5.38
N GLY A 66 -4.18 -27.81 -4.60
CA GLY A 66 -5.05 -27.65 -3.46
C GLY A 66 -4.36 -27.66 -2.11
N VAL A 67 -3.03 -27.70 -2.05
CA VAL A 67 -2.31 -27.71 -0.79
C VAL A 67 -2.07 -26.26 -0.39
N LYS A 68 -2.75 -25.82 0.67
CA LYS A 68 -2.57 -24.45 1.15
C LYS A 68 -1.23 -24.28 1.84
N SER A 69 -1.01 -25.03 2.92
CA SER A 69 0.23 -24.93 3.67
C SER A 69 0.50 -26.26 4.36
N VAL A 70 1.76 -26.45 4.76
CA VAL A 70 2.19 -27.63 5.50
C VAL A 70 2.81 -27.15 6.80
N PHE A 71 2.25 -27.59 7.92
CA PHE A 71 2.64 -27.13 9.25
C PHE A 71 3.29 -28.28 10.01
N ALA A 72 4.40 -27.99 10.67
CA ALA A 72 5.10 -28.97 11.50
C ALA A 72 4.75 -28.72 12.95
N VAL A 73 4.10 -29.70 13.59
CA VAL A 73 3.74 -29.61 15.00
C VAL A 73 4.35 -30.83 15.68
N GLY A 74 5.32 -30.58 16.56
CA GLY A 74 6.02 -31.69 17.21
C GLY A 74 6.69 -32.58 16.17
N ASN A 75 6.47 -33.88 16.30
CA ASN A 75 6.97 -34.84 15.32
C ASN A 75 5.95 -35.15 14.23
N THR A 76 4.80 -34.47 14.23
CA THR A 76 3.76 -34.68 13.24
C THR A 76 3.71 -33.50 12.28
N VAL A 77 3.09 -33.72 11.13
CA VAL A 77 2.93 -32.69 10.11
C VAL A 77 1.48 -32.69 9.65
N TYR A 78 0.96 -31.51 9.35
CA TYR A 78 -0.42 -31.32 8.93
C TYR A 78 -0.45 -30.61 7.59
N MET A 79 -1.31 -31.07 6.69
CA MET A 79 -1.50 -30.45 5.39
C MET A 79 -2.90 -29.88 5.31
N THR A 80 -3.00 -28.61 4.92
CA THR A 80 -4.27 -27.90 4.86
C THR A 80 -4.73 -27.77 3.41
N SER A 81 -5.97 -27.30 3.25
CA SER A 81 -6.59 -27.12 1.95
C SER A 81 -7.28 -25.77 1.89
N PHE A 82 -7.46 -25.29 0.66
CA PHE A 82 -8.18 -24.03 0.46
C PHE A 82 -9.66 -24.21 0.74
N GLY A 83 -10.29 -23.15 1.21
CA GLY A 83 -11.71 -23.14 1.50
C GLY A 83 -12.37 -21.90 0.89
N ARG A 84 -13.51 -21.53 1.47
CA ARG A 84 -14.22 -20.35 1.03
C ARG A 84 -13.41 -19.11 1.39
N GLY A 85 -12.99 -18.35 0.38
CA GLY A 85 -12.14 -17.21 0.62
C GLY A 85 -10.79 -17.65 1.14
N ASN A 86 -10.18 -16.83 1.99
CA ASN A 86 -8.90 -17.16 2.60
C ASN A 86 -9.18 -17.94 3.89
N ASP A 87 -9.59 -19.18 3.71
CA ASP A 87 -9.83 -20.11 4.81
C ASP A 87 -8.94 -21.32 4.66
N ALA A 88 -8.84 -22.09 5.73
CA ALA A 88 -8.02 -23.31 5.72
C ALA A 88 -8.80 -24.45 6.33
N VAL A 89 -8.69 -25.63 5.72
CA VAL A 89 -9.34 -26.84 6.18
C VAL A 89 -8.28 -27.91 6.37
N LEU A 90 -8.30 -28.58 7.53
CA LEU A 90 -7.35 -29.64 7.82
C LEU A 90 -7.89 -30.96 7.31
N GLU A 91 -7.07 -31.68 6.53
CA GLU A 91 -7.49 -32.97 5.99
C GLU A 91 -6.44 -34.06 6.08
N GLN A 92 -5.17 -33.75 6.35
CA GLN A 92 -4.11 -34.73 6.26
C GLN A 92 -3.15 -34.56 7.44
N LYS A 93 -2.87 -35.64 8.15
CA LYS A 93 -1.83 -35.60 9.17
C LYS A 93 -0.90 -36.79 8.99
N ILE A 94 0.40 -36.51 8.91
CA ILE A 94 1.42 -37.52 8.66
C ILE A 94 2.40 -37.54 9.81
N VAL A 95 2.67 -38.75 10.34
CA VAL A 95 3.63 -38.95 11.42
C VAL A 95 4.58 -40.04 10.94
N ASP A 96 5.70 -39.64 10.33
CA ASP A 96 6.76 -40.55 9.91
C ASP A 96 6.21 -41.63 8.95
N THR A 97 5.79 -41.16 7.78
CA THR A 97 5.23 -42.01 6.73
C THR A 97 4.06 -42.83 7.25
N SER A 98 3.16 -42.17 7.98
CA SER A 98 1.91 -42.77 8.44
C SER A 98 0.82 -41.73 8.28
N HIS A 99 0.01 -41.88 7.25
CA HIS A 99 -0.97 -40.87 6.85
C HIS A 99 -2.32 -41.17 7.47
N GLU A 100 -2.95 -40.14 8.03
CA GLU A 100 -4.30 -40.22 8.57
C GLU A 100 -5.14 -39.13 7.91
N PRO A 101 -6.25 -39.46 7.26
CA PRO A 101 -7.02 -38.44 6.55
C PRO A 101 -8.05 -37.77 7.42
N LEU A 102 -7.98 -36.45 7.55
CA LEU A 102 -9.08 -35.67 8.08
C LEU A 102 -9.94 -35.16 6.90
N ASN A 103 -11.06 -34.51 7.23
CA ASN A 103 -12.05 -34.06 6.24
C ASN A 103 -12.46 -35.27 5.40
N ILE A 104 -13.18 -36.19 6.05
CA ILE A 104 -13.55 -37.46 5.43
C ILE A 104 -14.48 -37.26 4.25
N ASP A 105 -15.27 -36.20 4.24
CA ASP A 105 -16.22 -35.95 3.17
C ASP A 105 -15.86 -34.69 2.39
N ASP A 106 -16.10 -34.75 1.08
CA ASP A 106 -15.74 -33.71 0.13
C ASP A 106 -14.25 -33.45 0.35
N PRO A 107 -13.37 -34.38 -0.06
CA PRO A 107 -11.93 -34.12 0.09
C PRO A 107 -11.44 -33.11 -0.93
N ALA A 108 -10.20 -32.65 -0.76
CA ALA A 108 -9.60 -31.72 -1.70
C ALA A 108 -8.50 -32.34 -2.54
N TYR A 109 -7.68 -33.22 -1.97
CA TYR A 109 -6.68 -33.95 -2.72
C TYR A 109 -6.33 -35.21 -1.96
N GLN A 110 -5.74 -36.17 -2.66
CA GLN A 110 -5.31 -37.41 -2.05
C GLN A 110 -3.82 -37.60 -2.30
N LEU A 111 -3.11 -38.10 -1.29
CA LEU A 111 -1.67 -38.29 -1.39
C LEU A 111 -1.40 -39.68 -1.96
N ASN A 112 -0.55 -39.75 -2.97
CA ASN A 112 -0.24 -41.03 -3.61
C ASN A 112 0.81 -41.80 -2.83
N VAL A 113 2.00 -41.23 -2.71
CA VAL A 113 3.10 -41.86 -2.00
C VAL A 113 3.61 -40.88 -0.95
N VAL A 114 3.80 -41.39 0.27
CA VAL A 114 4.30 -40.59 1.38
C VAL A 114 5.65 -41.12 1.78
N THR A 115 6.66 -40.25 1.77
CA THR A 115 8.02 -40.61 2.16
C THR A 115 8.55 -39.58 3.14
N MET A 116 9.67 -39.90 3.77
CA MET A 116 10.31 -38.97 4.69
C MET A 116 10.84 -37.73 3.98
N ASN A 117 11.02 -37.78 2.67
CA ASN A 117 11.57 -36.66 1.92
C ASN A 117 10.51 -35.74 1.36
N GLY A 118 9.24 -36.07 1.50
CA GLY A 118 8.18 -35.24 0.97
C GLY A 118 6.94 -36.07 0.73
N TYR A 119 5.92 -35.41 0.17
CA TYR A 119 4.62 -36.04 -0.07
C TYR A 119 4.14 -35.69 -1.46
N SER A 120 3.74 -36.70 -2.23
CA SER A 120 3.21 -36.52 -3.57
C SER A 120 1.69 -36.53 -3.49
N VAL A 121 1.06 -35.45 -3.96
CA VAL A 121 -0.38 -35.27 -3.85
C VAL A 121 -0.99 -35.12 -5.24
N THR A 122 -2.26 -35.45 -5.34
CA THR A 122 -3.04 -35.32 -6.57
C THR A 122 -4.36 -34.67 -6.22
N GLY A 123 -4.69 -33.56 -6.89
CA GLY A 123 -5.86 -32.81 -6.55
C GLY A 123 -7.14 -33.36 -7.17
N HIS A 124 -8.26 -32.97 -6.59
CA HIS A 124 -9.58 -33.34 -7.08
C HIS A 124 -10.41 -32.16 -7.57
N ARG A 125 -10.09 -30.94 -7.14
CA ARG A 125 -10.84 -29.77 -7.54
C ARG A 125 -10.38 -29.30 -8.92
N GLY A 126 -11.32 -29.13 -9.84
CA GLY A 126 -10.99 -28.66 -11.17
C GLY A 126 -10.05 -29.63 -11.87
N GLU A 127 -8.98 -29.10 -12.44
CA GLU A 127 -7.98 -29.93 -13.10
C GLU A 127 -7.29 -30.83 -12.09
N THR A 128 -7.09 -32.09 -12.46
CA THR A 128 -6.46 -33.07 -11.57
C THR A 128 -4.95 -32.95 -11.71
N VAL A 129 -4.42 -31.83 -11.23
CA VAL A 129 -2.99 -31.57 -11.27
C VAL A 129 -2.33 -32.22 -10.07
N SER A 130 -1.27 -32.98 -10.33
CA SER A 130 -0.53 -33.68 -9.29
C SER A 130 0.83 -33.02 -9.10
N ALA A 131 1.23 -32.86 -7.84
CA ALA A 131 2.46 -32.16 -7.52
C ALA A 131 3.10 -32.84 -6.30
N VAL A 132 4.19 -32.23 -5.80
CA VAL A 132 4.90 -32.74 -4.64
C VAL A 132 5.17 -31.59 -3.69
N THR A 133 5.21 -31.91 -2.39
CA THR A 133 5.43 -30.94 -1.33
C THR A 133 6.55 -31.43 -0.44
N ASP A 134 7.43 -30.50 -0.03
CA ASP A 134 8.56 -30.84 0.81
C ASP A 134 8.15 -30.95 2.26
N ASN A 135 8.85 -31.81 2.99
CA ASN A 135 8.55 -32.02 4.41
C ASN A 135 9.15 -30.90 5.24
N PRO A 136 8.35 -30.13 5.97
CA PRO A 136 8.92 -29.06 6.81
C PRO A 136 9.87 -29.56 7.88
N LEU A 137 9.64 -30.76 8.39
CA LEU A 137 10.49 -31.30 9.46
C LEU A 137 11.87 -31.66 8.97
N ARG A 138 12.12 -31.69 7.66
CA ARG A 138 13.43 -32.05 7.14
C ARG A 138 14.16 -30.83 6.56
N ARG A 139 13.62 -29.63 6.78
CA ARG A 139 14.30 -28.42 6.33
C ARG A 139 15.59 -28.24 7.10
N PHE A 140 16.65 -27.86 6.40
CA PHE A 140 18.00 -27.72 6.94
C PHE A 140 18.56 -29.03 7.48
N ASN A 141 17.99 -30.17 7.11
CA ASN A 141 18.36 -31.45 7.70
C ASN A 141 18.54 -32.50 6.62
N GLY A 142 19.26 -32.17 5.56
CA GLY A 142 19.47 -33.10 4.47
C GLY A 142 20.88 -33.02 3.93
N ARG A 143 21.48 -34.20 3.72
CA ARG A 143 22.81 -34.33 3.14
C ARG A 143 23.84 -33.50 3.90
N LYS A 144 23.78 -33.52 5.22
CA LYS A 144 24.69 -32.75 6.04
C LYS A 144 24.78 -33.31 7.45
N PRO A 148 20.73 -34.73 10.20
CA PRO A 148 20.17 -36.07 9.94
C PRO A 148 19.06 -36.46 10.90
N GLU A 149 18.14 -35.53 11.18
CA GLU A 149 17.03 -35.79 12.08
C GLU A 149 15.91 -34.81 11.79
N GLN A 150 14.73 -35.11 12.33
CA GLN A 150 13.58 -34.23 12.17
C GLN A 150 13.59 -33.15 13.25
N SER A 151 13.32 -31.92 12.83
CA SER A 151 13.26 -30.80 13.76
C SER A 151 12.35 -29.73 13.18
N VAL A 152 11.68 -29.00 14.06
CA VAL A 152 10.80 -27.92 13.61
C VAL A 152 11.64 -26.81 12.99
N PRO A 153 11.34 -26.37 11.77
CA PRO A 153 12.16 -25.34 11.14
C PRO A 153 12.03 -24.01 11.86
N THR A 154 13.09 -23.21 11.76
CA THR A 154 13.14 -21.89 12.34
C THR A 154 13.24 -20.84 11.24
N ASP A 155 12.86 -19.61 11.58
CA ASP A 155 12.96 -18.51 10.63
C ASP A 155 14.42 -18.23 10.29
N MET A 156 14.63 -17.67 9.09
CA MET A 156 15.99 -17.47 8.60
C MET A 156 16.74 -16.41 9.39
N LEU A 157 16.05 -15.60 10.18
CA LEU A 157 16.71 -14.61 11.04
C LEU A 157 17.03 -15.15 12.42
N CYS A 158 16.70 -16.41 12.71
CA CYS A 158 16.92 -17.03 14.01
C CYS A 158 16.29 -16.20 15.13
N LEU A 159 15.11 -15.66 14.86
CA LEU A 159 14.38 -14.83 15.81
C LEU A 159 13.04 -15.45 16.20
N LYS A 160 12.76 -16.67 15.76
CA LYS A 160 11.46 -17.29 16.03
C LYS A 160 11.18 -17.47 17.52
N PRO A 161 12.09 -18.02 18.35
CA PRO A 161 11.78 -18.12 19.77
C PRO A 161 11.53 -16.77 20.44
N THR A 162 12.29 -15.75 20.06
CA THR A 162 12.09 -14.43 20.67
C THR A 162 10.75 -13.84 20.27
N LEU A 163 10.38 -13.93 18.99
CA LEU A 163 9.09 -13.43 18.56
C LEU A 163 7.95 -14.17 19.22
N GLU A 164 8.08 -15.49 19.35
CA GLU A 164 7.04 -16.28 20.02
C GLU A 164 6.92 -15.88 21.48
N LYS A 165 8.04 -15.67 22.17
CA LYS A 165 8.01 -15.28 23.56
C LYS A 165 7.47 -13.86 23.73
N LYS A 166 7.62 -13.02 22.71
CA LYS A 166 7.11 -11.65 22.80
C LYS A 166 5.61 -11.61 22.56
N PHE A 167 5.15 -12.11 21.42
CA PHE A 167 3.73 -12.03 21.09
C PHE A 167 2.88 -13.02 21.87
N PHE A 168 3.46 -14.13 22.32
CA PHE A 168 2.74 -15.14 23.07
C PHE A 168 3.44 -15.36 24.41
N GLY A 169 2.99 -16.39 25.14
CA GLY A 169 3.56 -16.66 26.46
C GLY A 169 4.93 -17.29 26.43
N LYS A 170 5.20 -18.14 25.44
CA LYS A 170 6.42 -18.94 25.42
C LYS A 170 6.58 -19.53 24.03
N GLU A 171 7.63 -20.35 23.88
CA GLU A 171 7.84 -21.09 22.65
C GLU A 171 6.80 -22.19 22.50
N PHE A 172 6.53 -22.57 21.25
CA PHE A 172 5.43 -23.50 20.97
C PHE A 172 5.82 -24.75 20.19
N ASP A 173 7.07 -24.89 19.76
CA ASP A 173 7.53 -26.08 19.05
C ASP A 173 6.71 -26.35 17.79
N ASP A 174 6.43 -25.29 17.03
CA ASP A 174 5.72 -25.42 15.77
C ASP A 174 6.04 -24.21 14.91
N ASN A 175 5.69 -24.30 13.63
CA ASN A 175 5.95 -23.23 12.67
C ASN A 175 4.67 -22.52 12.25
N ILE A 176 3.66 -22.50 13.14
CA ILE A 176 2.41 -21.82 12.83
C ILE A 176 2.37 -20.40 13.39
N HIS A 177 2.81 -20.24 14.65
CA HIS A 177 2.74 -18.92 15.29
C HIS A 177 3.64 -17.92 14.58
N ILE A 178 4.78 -18.38 14.07
CA ILE A 178 5.76 -17.47 13.48
C ILE A 178 5.20 -16.80 12.23
N GLN A 179 4.36 -17.50 11.48
CA GLN A 179 3.75 -16.90 10.29
C GLN A 179 2.78 -15.78 10.68
N LEU A 180 2.01 -15.99 11.74
CA LEU A 180 1.14 -14.93 12.25
C LEU A 180 1.96 -13.74 12.72
N ILE A 181 3.07 -14.00 13.41
CA ILE A 181 3.92 -12.92 13.89
C ILE A 181 4.49 -12.13 12.71
N TYR A 182 4.91 -12.83 11.66
CA TYR A 182 5.43 -12.14 10.48
C TYR A 182 4.35 -11.34 9.76
N ASN A 183 3.11 -11.82 9.78
CA ASN A 183 2.01 -11.02 9.23
C ASN A 183 1.81 -9.74 10.03
N ILE A 184 1.90 -9.83 11.36
CA ILE A 184 1.83 -8.63 12.19
C ILE A 184 2.98 -7.69 11.85
N LEU A 185 4.16 -8.24 11.64
CA LEU A 185 5.31 -7.41 11.28
C LEU A 185 5.09 -6.71 9.95
N ASP A 186 4.48 -7.40 8.98
CA ASP A 186 4.16 -6.76 7.71
C ASP A 186 3.16 -5.63 7.89
N ILE A 187 2.17 -5.83 8.76
CA ILE A 187 1.23 -4.76 9.08
C ILE A 187 1.98 -3.54 9.59
N GLU A 188 2.89 -3.77 10.53
CA GLU A 188 3.66 -2.65 11.09
C GLU A 188 4.52 -1.99 10.04
N LYS A 189 5.10 -2.76 9.13
CA LYS A 189 5.93 -2.20 8.07
C LYS A 189 5.13 -1.27 7.17
N ILE A 190 3.97 -1.74 6.70
CA ILE A 190 3.18 -0.92 5.78
C ILE A 190 2.65 0.32 6.50
N LEU A 191 2.28 0.18 7.77
CA LEU A 191 1.84 1.34 8.53
C LEU A 191 2.96 2.35 8.69
N ALA A 192 4.19 1.87 8.93
CA ALA A 192 5.32 2.77 9.06
C ALA A 192 5.55 3.56 7.78
N VAL A 193 5.53 2.86 6.64
CA VAL A 193 5.78 3.53 5.36
C VAL A 193 4.73 4.60 5.11
N TYR A 194 3.45 4.25 5.27
CA TYR A 194 2.43 5.22 4.90
C TYR A 194 2.29 6.33 5.93
N SER A 195 2.62 6.08 7.20
CA SER A 195 2.64 7.15 8.17
C SER A 195 3.79 8.11 7.92
N THR A 196 4.95 7.58 7.50
CA THR A 196 6.05 8.46 7.10
C THR A 196 5.66 9.32 5.91
N ASN A 197 4.99 8.72 4.93
CA ASN A 197 4.53 9.50 3.78
C ASN A 197 3.54 10.59 4.20
N ALA A 198 2.61 10.26 5.10
CA ALA A 198 1.65 11.25 5.56
C ALA A 198 2.33 12.39 6.30
N ILE A 199 3.31 12.07 7.15
CA ILE A 199 4.02 13.12 7.88
C ILE A 199 4.80 14.00 6.91
N TYR A 200 5.42 13.41 5.89
CA TYR A 200 6.13 14.21 4.90
C TYR A 200 5.17 15.13 4.16
N ALA A 201 3.98 14.63 3.81
CA ALA A 201 2.99 15.47 3.15
C ALA A 201 2.56 16.62 4.05
N LEU A 202 2.37 16.35 5.34
CA LEU A 202 1.97 17.40 6.27
C LEU A 202 3.08 18.41 6.49
N ASN A 203 4.33 17.99 6.41
CA ASN A 203 5.46 18.87 6.67
C ASN A 203 5.92 19.63 5.42
N ASN A 204 5.49 19.20 4.23
CA ASN A 204 5.96 19.85 3.01
C ASN A 204 5.53 21.31 2.93
N MET A 205 4.42 21.68 3.58
CA MET A 205 3.91 23.05 3.47
C MET A 205 4.79 24.07 4.16
N SER A 206 5.78 23.65 4.95
CA SER A 206 6.66 24.61 5.60
C SER A 206 7.51 25.39 4.60
N ALA A 207 7.69 24.86 3.39
CA ALA A 207 8.46 25.53 2.33
C ALA A 207 9.86 25.90 2.78
N ASP A 215 11.70 17.87 14.87
CA ASP A 215 11.25 19.16 15.38
C ASP A 215 9.81 19.10 15.84
N PHE A 216 8.91 19.73 15.06
CA PHE A 216 7.50 19.79 15.44
C PHE A 216 6.87 18.40 15.42
N PHE A 217 7.03 17.68 14.31
CA PHE A 217 6.28 16.44 14.09
C PHE A 217 6.99 15.21 14.63
N MET A 218 8.13 15.37 15.30
CA MET A 218 8.87 14.24 15.83
C MET A 218 8.60 13.98 17.31
N LYS A 219 8.42 15.03 18.11
CA LYS A 219 8.25 14.90 19.55
C LYS A 219 6.79 14.86 19.98
N ARG A 220 5.85 14.84 19.03
CA ARG A 220 4.44 14.90 19.39
C ARG A 220 3.97 13.56 19.93
N THR A 221 3.45 13.55 21.16
CA THR A 221 2.95 12.36 21.81
C THR A 221 1.53 12.58 22.29
N THR A 222 0.76 11.50 22.36
CA THR A 222 -0.62 11.57 22.81
C THR A 222 -0.76 11.59 24.32
N ASP A 223 0.34 11.48 25.06
CA ASP A 223 0.26 11.54 26.52
C ASP A 223 -0.14 12.91 27.06
N GLU A 224 -0.09 13.95 26.22
CA GLU A 224 -0.49 15.30 26.62
C GLU A 224 -1.62 15.78 25.72
N THR A 225 -2.56 16.51 26.30
CA THR A 225 -3.71 17.01 25.57
C THR A 225 -3.46 18.46 25.14
N PHE A 226 -4.46 19.04 24.49
CA PHE A 226 -4.32 20.42 24.02
C PHE A 226 -4.28 21.40 25.19
N ASP A 227 -4.92 21.07 26.31
CA ASP A 227 -4.90 21.96 27.46
C ASP A 227 -3.48 22.15 27.99
N ASP A 228 -2.72 21.07 28.08
CA ASP A 228 -1.33 21.18 28.52
C ASP A 228 -0.47 21.88 27.46
N PHE A 229 -0.77 21.64 26.18
CA PHE A 229 -0.04 22.29 25.11
C PHE A 229 -0.25 23.80 25.12
N GLU A 230 -1.43 24.26 25.54
CA GLU A 230 -1.73 25.68 25.56
C GLU A 230 -0.90 26.43 26.60
N LYS A 231 -0.34 25.72 27.59
CA LYS A 231 0.47 26.37 28.61
C LYS A 231 1.78 26.92 28.07
N LYS A 232 2.15 26.57 26.84
CA LYS A 232 3.39 27.06 26.25
C LYS A 232 3.31 28.51 25.80
N LYS A 233 2.12 29.14 25.85
CA LYS A 233 2.02 30.57 25.57
C LYS A 233 2.90 31.37 26.51
N GLU A 234 2.85 31.07 27.80
CA GLU A 234 3.63 31.78 28.81
C GLU A 234 4.83 30.99 29.28
N SER A 235 5.23 29.94 28.55
CA SER A 235 6.36 29.13 28.96
C SER A 235 7.63 29.97 29.00
N THR A 236 8.41 29.80 30.06
CA THR A 236 9.66 30.54 30.24
C THR A 236 10.85 29.87 29.57
N ASN A 237 10.67 28.68 29.02
CA ASN A 237 11.73 27.96 28.32
C ASN A 237 11.48 28.06 26.82
N SER A 238 12.51 28.49 26.08
CA SER A 238 12.37 28.68 24.65
C SER A 238 12.20 27.37 23.89
N ARG A 239 12.61 26.25 24.50
CA ARG A 239 12.60 24.98 23.78
C ARG A 239 11.19 24.59 23.35
N GLU A 240 10.20 24.77 24.23
CA GLU A 240 8.83 24.48 23.84
C GLU A 240 8.07 25.72 23.37
N LYS A 241 8.57 26.92 23.69
CA LYS A 241 7.97 28.13 23.12
C LYS A 241 8.14 28.14 21.61
N ALA A 242 9.31 27.73 21.11
CA ALA A 242 9.50 27.61 19.67
C ALA A 242 8.57 26.56 19.09
N ASP A 243 8.35 25.47 19.82
CA ASP A 243 7.43 24.43 19.35
C ASP A 243 6.01 24.97 19.22
N PHE A 244 5.55 25.73 20.23
CA PHE A 244 4.20 26.27 20.16
C PHE A 244 4.10 27.33 19.06
N ASP A 245 5.15 28.10 18.85
CA ASP A 245 5.15 29.06 17.74
C ASP A 245 5.06 28.34 16.41
N ALA A 246 5.76 27.20 16.28
CA ALA A 246 5.65 26.40 15.07
C ALA A 246 4.24 25.87 14.88
N PHE A 247 3.60 25.44 15.97
CA PHE A 247 2.22 24.98 15.86
C PHE A 247 1.30 26.11 15.43
N GLU A 248 1.49 27.30 15.98
CA GLU A 248 0.66 28.44 15.59
C GLU A 248 0.87 28.80 14.14
N LYS A 249 2.12 28.76 13.67
CA LYS A 249 2.40 29.03 12.26
C LYS A 249 1.82 27.95 11.36
N PHE A 250 1.71 26.72 11.87
CA PHE A 250 1.14 25.65 11.05
C PHE A 250 -0.32 25.92 10.71
N ILE A 251 -1.13 26.23 11.72
CA ILE A 251 -2.50 26.65 11.43
C ILE A 251 -2.49 28.07 10.85
N GLY A 252 -3.52 28.37 10.08
CA GLY A 252 -3.56 29.62 9.36
C GLY A 252 -2.76 29.63 8.08
N ASN A 253 -2.10 28.52 7.75
CA ASN A 253 -1.39 28.40 6.49
C ASN A 253 -2.39 28.02 5.41
N TYR A 254 -2.34 28.73 4.27
CA TYR A 254 -3.28 28.44 3.19
C TYR A 254 -3.12 27.01 2.67
N ARG A 255 -1.93 26.44 2.79
CA ARG A 255 -1.69 25.08 2.35
C ARG A 255 -2.41 24.05 3.23
N LEU A 256 -2.97 24.46 4.36
CA LEU A 256 -3.87 23.60 5.11
C LEU A 256 -5.20 23.42 4.41
N ALA A 257 -5.45 24.14 3.31
CA ALA A 257 -6.66 23.95 2.53
C ALA A 257 -6.78 22.53 2.02
N TYR A 258 -5.67 21.93 1.60
CA TYR A 258 -5.69 20.51 1.27
C TYR A 258 -5.96 19.70 2.53
N PHE A 259 -6.28 18.42 2.35
CA PHE A 259 -6.71 17.55 3.43
C PHE A 259 -7.93 18.15 4.15
N ALA A 260 -8.95 18.44 3.34
CA ALA A 260 -10.13 19.12 3.86
C ALA A 260 -10.85 18.29 4.91
N ASP A 261 -10.96 16.97 4.69
CA ASP A 261 -11.65 16.12 5.64
C ASP A 261 -10.90 15.97 6.95
N ALA A 262 -9.64 16.41 7.01
CA ALA A 262 -8.87 16.31 8.24
C ALA A 262 -8.83 17.62 9.03
N PHE A 263 -9.03 18.76 8.37
CA PHE A 263 -8.91 20.06 9.02
C PHE A 263 -10.10 20.99 8.80
N TYR A 264 -10.95 20.72 7.81
CA TYR A 264 -12.09 21.59 7.50
C TYR A 264 -13.39 20.86 7.77
N VAL A 265 -14.37 21.60 8.29
CA VAL A 265 -15.69 21.05 8.59
C VAL A 265 -16.75 21.96 7.99
N ASN A 266 -17.90 21.38 7.71
CA ASN A 266 -19.01 22.13 7.13
C ASN A 266 -19.77 22.86 8.24
N LYS A 267 -20.24 24.07 7.93
CA LYS A 267 -20.94 24.91 8.87
C LYS A 267 -22.16 25.52 8.21
N LYS A 268 -23.25 25.60 8.97
CA LYS A 268 -24.49 26.18 8.47
C LYS A 268 -24.35 27.70 8.36
N ASN A 269 -25.15 28.28 7.46
CA ASN A 269 -25.09 29.72 7.21
C ASN A 269 -25.39 30.56 8.45
N PRO A 270 -26.49 30.31 9.21
CA PRO A 270 -26.67 31.15 10.40
C PRO A 270 -25.72 30.78 11.53
N LYS A 273 -25.09 28.42 1.11
CA LYS A 273 -25.31 28.84 2.49
C LYS A 273 -24.26 28.22 3.41
N ALA A 274 -24.25 26.89 3.48
CA ALA A 274 -23.25 26.19 4.27
C ALA A 274 -21.87 26.34 3.63
N LYS A 275 -20.86 26.56 4.47
CA LYS A 275 -19.50 26.78 3.99
C LYS A 275 -18.53 25.98 4.83
N ASN A 276 -17.36 25.72 4.25
CA ASN A 276 -16.31 24.95 4.93
C ASN A 276 -15.39 25.90 5.68
N VAL A 277 -15.20 25.64 6.97
CA VAL A 277 -14.35 26.45 7.82
C VAL A 277 -13.40 25.55 8.59
N LEU A 278 -12.28 26.12 9.02
CA LEU A 278 -11.30 25.37 9.80
C LEU A 278 -11.90 24.94 11.13
N ARG A 279 -11.51 23.76 11.59
CA ARG A 279 -11.92 23.28 12.89
C ARG A 279 -11.30 24.14 13.99
N GLU A 280 -11.67 23.84 15.23
CA GLU A 280 -11.01 24.49 16.35
C GLU A 280 -9.57 23.99 16.47
N ASP A 281 -8.76 24.76 17.21
CA ASP A 281 -7.36 24.40 17.37
C ASP A 281 -7.20 23.04 18.03
N LYS A 282 -8.14 22.67 18.91
CA LYS A 282 -8.05 21.40 19.61
C LYS A 282 -8.07 20.23 18.65
N GLU A 283 -8.98 20.26 17.67
CA GLU A 283 -9.09 19.14 16.73
C GLU A 283 -7.88 19.05 15.82
N LEU A 284 -7.38 20.21 15.34
CA LEU A 284 -6.19 20.19 14.50
C LEU A 284 -4.99 19.65 15.27
N TYR A 285 -4.83 20.08 16.53
CA TYR A 285 -3.75 19.56 17.35
C TYR A 285 -3.90 18.05 17.57
N SER A 286 -5.13 17.59 17.79
CA SER A 286 -5.36 16.17 18.00
C SER A 286 -4.98 15.36 16.76
N VAL A 287 -5.36 15.86 15.58
CA VAL A 287 -5.02 15.15 14.34
C VAL A 287 -3.51 15.10 14.15
N LEU A 288 -2.84 16.24 14.35
CA LEU A 288 -1.40 16.29 14.21
C LEU A 288 -0.72 15.34 15.20
N THR A 289 -1.20 15.34 16.44
CA THR A 289 -0.61 14.48 17.47
C THR A 289 -0.78 13.02 17.11
N LEU A 290 -1.98 12.63 16.63
CA LEU A 290 -2.21 11.25 16.26
C LEU A 290 -1.28 10.82 15.15
N ILE A 291 -1.16 11.64 14.10
CA ILE A 291 -0.30 11.26 12.98
C ILE A 291 1.16 11.19 13.42
N GLY A 292 1.61 12.18 14.19
CA GLY A 292 3.00 12.18 14.63
C GLY A 292 3.34 11.02 15.53
N LYS A 293 2.43 10.69 16.46
CA LYS A 293 2.67 9.56 17.34
C LYS A 293 2.65 8.25 16.56
N LEU A 294 1.77 8.14 15.56
CA LEU A 294 1.77 6.95 14.73
C LEU A 294 3.10 6.78 14.02
N ARG A 295 3.62 7.87 13.44
CA ARG A 295 4.91 7.78 12.76
C ARG A 295 6.03 7.43 13.73
N HIS A 296 6.04 8.06 14.89
CA HIS A 296 7.10 7.81 15.87
C HIS A 296 7.06 6.38 16.37
N TRP A 297 5.87 5.85 16.62
CA TRP A 297 5.76 4.48 17.12
C TRP A 297 6.12 3.47 16.05
N CYS A 298 5.68 3.70 14.81
CA CYS A 298 5.94 2.74 13.74
C CYS A 298 7.41 2.74 13.35
N VAL A 299 7.98 3.92 13.11
CA VAL A 299 9.35 3.99 12.60
C VAL A 299 10.35 3.56 13.68
N HIS A 300 10.22 4.11 14.88
CA HIS A 300 11.15 3.81 15.95
C HIS A 300 10.71 2.57 16.72
N SER A 301 11.54 2.17 17.68
CA SER A 301 11.27 1.02 18.53
C SER A 301 11.06 1.55 19.95
N GLU A 302 9.81 1.84 20.29
CA GLU A 302 9.48 2.36 21.61
C GLU A 302 9.73 1.31 22.68
N GLU A 303 10.09 1.78 23.87
CA GLU A 303 10.34 0.92 25.02
C GLU A 303 9.40 1.29 26.14
N GLY A 304 8.80 0.28 26.77
CA GLY A 304 7.86 0.51 27.85
C GLY A 304 6.41 0.37 27.41
N ARG A 305 5.51 1.09 28.07
CA ARG A 305 4.10 1.03 27.69
C ARG A 305 3.85 1.61 26.30
N ALA A 306 4.62 2.64 25.92
CA ALA A 306 4.40 3.32 24.65
C ALA A 306 4.57 2.39 23.46
N GLU A 307 5.25 1.25 23.63
CA GLU A 307 5.42 0.31 22.54
C GLU A 307 4.13 -0.43 22.20
N PHE A 308 3.10 -0.35 23.04
CA PHE A 308 1.80 -0.94 22.76
C PHE A 308 0.76 0.09 22.38
N TRP A 309 1.20 1.25 21.90
CA TRP A 309 0.27 2.37 21.66
C TRP A 309 -0.77 2.02 20.60
N LEU A 310 -0.34 1.36 19.52
CA LEU A 310 -1.28 1.04 18.45
C LEU A 310 -2.29 -0.01 18.87
N TYR A 311 -1.90 -0.92 19.75
CA TYR A 311 -2.77 -2.02 20.15
C TYR A 311 -3.55 -1.73 21.43
N LYS A 312 -3.43 -0.53 21.98
CA LYS A 312 -4.18 -0.11 23.15
C LYS A 312 -4.85 1.24 22.90
N LEU A 313 -5.32 1.45 21.66
CA LEU A 313 -5.90 2.73 21.29
C LEU A 313 -7.17 3.04 22.06
N ASP A 314 -7.79 2.05 22.69
CA ASP A 314 -8.95 2.30 23.53
C ASP A 314 -8.59 3.07 24.80
N GLU A 315 -7.30 3.22 25.11
CA GLU A 315 -6.86 3.99 26.26
C GLU A 315 -6.54 5.44 25.90
N LEU A 316 -6.88 5.88 24.69
CA LEU A 316 -6.61 7.24 24.27
C LEU A 316 -7.47 8.22 25.07
N LYS A 317 -7.04 9.48 25.06
CA LYS A 317 -7.79 10.53 25.73
C LYS A 317 -9.07 10.84 24.96
N ASP A 318 -9.96 11.61 25.59
CA ASP A 318 -11.25 11.89 25.00
C ASP A 318 -11.15 12.75 23.75
N ASP A 319 -10.21 13.69 23.72
CA ASP A 319 -10.09 14.60 22.57
C ASP A 319 -9.75 13.84 21.30
N PHE A 320 -8.80 12.91 21.39
CA PHE A 320 -8.41 12.13 20.20
C PHE A 320 -9.55 11.25 19.73
N LYS A 321 -10.27 10.62 20.66
CA LYS A 321 -11.42 9.81 20.27
C LYS A 321 -12.48 10.67 19.58
N ASN A 322 -12.74 11.86 20.11
CA ASN A 322 -13.74 12.74 19.52
C ASN A 322 -13.33 13.18 18.12
N VAL A 323 -12.06 13.53 17.92
CA VAL A 323 -11.64 13.97 16.60
C VAL A 323 -11.67 12.80 15.62
N LEU A 324 -11.33 11.59 16.07
CA LEU A 324 -11.43 10.42 15.21
C LEU A 324 -12.87 10.18 14.81
N ASP A 325 -13.79 10.26 15.76
CA ASP A 325 -15.21 10.05 15.44
C ASP A 325 -15.71 11.11 14.45
N VAL A 326 -15.33 12.37 14.67
CA VAL A 326 -15.80 13.43 13.79
C VAL A 326 -15.26 13.24 12.38
N VAL A 327 -13.98 12.89 12.25
CA VAL A 327 -13.41 12.68 10.93
C VAL A 327 -14.06 11.48 10.24
N TYR A 328 -14.31 10.40 10.99
CA TYR A 328 -14.83 9.18 10.38
C TYR A 328 -16.31 9.28 10.02
N ASN A 329 -17.08 10.08 10.77
CA ASN A 329 -18.53 10.08 10.56
C ASN A 329 -18.94 10.79 9.28
N ARG A 330 -18.13 11.74 8.82
CA ARG A 330 -18.55 12.58 7.68
C ARG A 330 -18.80 11.78 6.41
N PRO A 331 -17.89 10.94 5.92
CA PRO A 331 -18.21 10.18 4.69
C PRO A 331 -19.39 9.23 4.86
N VAL A 332 -19.51 8.62 6.03
CA VAL A 332 -20.63 7.69 6.26
C VAL A 332 -21.95 8.44 6.22
N GLU A 333 -22.03 9.56 6.94
CA GLU A 333 -23.25 10.36 6.91
C GLU A 333 -23.49 11.01 5.55
N GLU A 334 -22.46 11.13 4.72
CA GLU A 334 -22.63 11.66 3.38
C GLU A 334 -22.88 10.58 2.33
N ILE A 335 -22.82 9.30 2.71
CA ILE A 335 -23.01 8.20 1.77
C ILE A 335 -24.33 7.48 2.00
N ASN A 336 -24.59 7.05 3.23
CA ASN A 336 -25.80 6.28 3.49
C ASN A 336 -27.03 7.17 3.66
N ASN A 337 -26.85 8.49 3.71
CA ASN A 337 -28.00 9.39 3.81
C ASN A 337 -28.72 9.54 2.49
N ARG A 338 -27.98 9.55 1.37
CA ARG A 338 -28.56 9.74 0.05
C ARG A 338 -28.61 8.46 -0.77
N PHE A 339 -28.43 7.29 -0.14
CA PHE A 339 -28.39 6.05 -0.89
C PHE A 339 -29.73 5.74 -1.56
N ILE A 340 -30.84 5.96 -0.85
CA ILE A 340 -32.14 5.60 -1.40
C ILE A 340 -32.49 6.50 -2.58
N GLU A 341 -32.28 7.80 -2.42
CA GLU A 341 -32.66 8.74 -3.48
C GLU A 341 -31.79 8.56 -4.72
N ASN A 342 -30.49 8.30 -4.53
CA ASN A 342 -29.57 8.27 -5.67
C ASN A 342 -29.87 7.10 -6.60
N ASN A 343 -30.17 5.93 -6.05
CA ASN A 343 -30.32 4.71 -6.83
C ASN A 343 -31.78 4.32 -7.04
N LYS A 344 -32.70 5.27 -6.89
CA LYS A 344 -34.13 4.98 -6.87
C LYS A 344 -34.57 4.16 -8.08
N VAL A 345 -34.18 4.58 -9.27
CA VAL A 345 -34.63 3.91 -10.49
C VAL A 345 -34.11 2.48 -10.53
N ASN A 346 -32.90 2.25 -10.00
CA ASN A 346 -32.35 0.90 -10.01
C ASN A 346 -33.18 -0.04 -9.14
N ILE A 347 -33.53 0.38 -7.93
CA ILE A 347 -34.35 -0.46 -7.07
C ILE A 347 -35.73 -0.65 -7.68
N GLN A 348 -36.27 0.38 -8.33
CA GLN A 348 -37.58 0.24 -8.95
C GLN A 348 -37.54 -0.81 -10.06
N ILE A 349 -36.53 -0.75 -10.92
CA ILE A 349 -36.43 -1.72 -12.02
C ILE A 349 -36.21 -3.12 -11.47
N LEU A 350 -35.33 -3.26 -10.47
CA LEU A 350 -35.08 -4.58 -9.90
C LEU A 350 -36.34 -5.16 -9.26
N GLY A 351 -37.12 -4.32 -8.58
CA GLY A 351 -38.39 -4.79 -8.05
C GLY A 351 -39.36 -5.19 -9.14
N SER A 352 -39.32 -4.49 -10.27
CA SER A 352 -40.16 -4.89 -11.40
C SER A 352 -39.76 -6.26 -11.92
N VAL A 353 -38.45 -6.53 -11.99
CA VAL A 353 -38.00 -7.81 -12.53
C VAL A 353 -37.91 -8.91 -11.48
N TYR A 354 -37.72 -8.56 -10.21
CA TYR A 354 -37.73 -9.54 -9.12
C TYR A 354 -39.10 -9.47 -8.45
N LYS A 355 -40.10 -10.05 -9.12
CA LYS A 355 -41.47 -9.92 -8.64
C LYS A 355 -41.68 -10.67 -7.33
N ASN A 356 -41.08 -11.86 -7.19
CA ASN A 356 -41.33 -12.67 -6.00
C ASN A 356 -40.59 -12.15 -4.78
N THR A 357 -39.38 -11.64 -4.96
CA THR A 357 -38.57 -11.19 -3.84
C THR A 357 -39.18 -9.95 -3.20
N ASP A 358 -39.16 -9.91 -1.87
CA ASP A 358 -39.68 -8.76 -1.14
C ASP A 358 -38.83 -7.53 -1.43
N ILE A 359 -39.47 -6.37 -1.34
CA ILE A 359 -38.77 -5.11 -1.65
C ILE A 359 -37.68 -4.82 -0.63
N ALA A 360 -37.97 -5.06 0.65
CA ALA A 360 -36.99 -4.78 1.70
C ALA A 360 -35.74 -5.64 1.52
N GLU A 361 -35.93 -6.94 1.29
CA GLU A 361 -34.78 -7.82 1.09
C GLU A 361 -34.00 -7.42 -0.15
N LEU A 362 -34.71 -7.05 -1.22
CA LEU A 362 -34.03 -6.68 -2.46
C LEU A 362 -33.20 -5.41 -2.27
N VAL A 363 -33.75 -4.40 -1.58
CA VAL A 363 -32.98 -3.18 -1.37
C VAL A 363 -31.82 -3.43 -0.41
N ARG A 364 -32.00 -4.35 0.55
CA ARG A 364 -30.88 -4.74 1.41
C ARG A 364 -29.76 -5.36 0.59
N SER A 365 -30.12 -6.28 -0.31
CA SER A 365 -29.11 -6.91 -1.16
C SER A 365 -28.44 -5.89 -2.06
N TYR A 366 -29.20 -4.95 -2.60
CA TYR A 366 -28.61 -3.91 -3.45
C TYR A 366 -27.64 -3.05 -2.66
N TYR A 367 -27.98 -2.70 -1.42
CA TYR A 367 -27.07 -1.91 -0.60
C TYR A 367 -25.79 -2.69 -0.30
N GLU A 368 -25.93 -3.97 0.04
CA GLU A 368 -24.74 -4.78 0.27
C GLU A 368 -23.92 -5.03 -0.98
N PHE A 369 -24.53 -4.95 -2.16
CA PHE A 369 -23.83 -5.20 -3.41
C PHE A 369 -23.11 -3.96 -3.94
N LEU A 370 -23.73 -2.79 -3.84
CA LEU A 370 -23.18 -1.58 -4.43
C LEU A 370 -22.39 -0.73 -3.44
N ILE A 371 -22.93 -0.48 -2.24
CA ILE A 371 -22.26 0.39 -1.30
C ILE A 371 -21.12 -0.35 -0.60
N THR A 372 -21.40 -1.54 -0.06
CA THR A 372 -20.38 -2.31 0.61
C THR A 372 -19.46 -3.05 -0.36
N LYS A 373 -19.85 -3.16 -1.62
CA LYS A 373 -19.05 -3.82 -2.66
C LYS A 373 -18.68 -5.25 -2.26
N LYS A 374 -19.72 -6.06 -2.08
CA LYS A 374 -19.54 -7.46 -1.69
C LYS A 374 -19.30 -8.36 -2.89
N TYR A 375 -19.26 -7.82 -4.11
CA TYR A 375 -19.03 -8.60 -5.31
C TYR A 375 -17.56 -8.70 -5.68
N LYS A 376 -16.66 -8.08 -4.90
CA LYS A 376 -15.25 -8.07 -5.20
C LYS A 376 -14.46 -9.03 -4.31
N ASN A 377 -15.15 -9.91 -3.58
CA ASN A 377 -14.45 -10.86 -2.71
C ASN A 377 -15.06 -12.26 -2.78
N MET A 378 -15.77 -12.57 -3.87
CA MET A 378 -16.36 -13.89 -4.03
C MET A 378 -15.42 -14.91 -4.63
N GLY A 379 -14.27 -14.48 -5.14
CA GLY A 379 -13.30 -15.40 -5.70
C GLY A 379 -13.09 -15.19 -7.18
N PHE A 380 -14.17 -14.98 -7.93
CA PHE A 380 -14.06 -14.68 -9.35
C PHE A 380 -14.37 -13.20 -9.57
N SER A 381 -14.36 -12.77 -10.82
CA SER A 381 -14.66 -11.39 -11.17
C SER A 381 -16.00 -11.37 -11.89
N ILE A 382 -17.01 -10.78 -11.24
CA ILE A 382 -18.34 -10.65 -11.83
C ILE A 382 -18.24 -9.80 -13.07
N LYS A 383 -17.39 -8.77 -13.01
CA LYS A 383 -17.22 -7.88 -14.16
C LYS A 383 -16.69 -8.65 -15.38
N LYS A 384 -15.70 -9.52 -15.17
CA LYS A 384 -15.17 -10.30 -16.29
C LYS A 384 -16.20 -11.26 -16.85
N LEU A 385 -16.97 -11.92 -15.98
CA LEU A 385 -17.99 -12.84 -16.45
C LEU A 385 -19.06 -12.11 -17.27
N ARG A 386 -19.51 -10.95 -16.77
CA ARG A 386 -20.50 -10.16 -17.51
C ARG A 386 -19.93 -9.66 -18.83
N GLU A 387 -18.66 -9.22 -18.84
CA GLU A 387 -18.05 -8.74 -20.07
C GLU A 387 -17.95 -9.84 -21.10
N SER A 388 -17.55 -11.04 -20.69
CA SER A 388 -17.43 -12.16 -21.61
C SER A 388 -18.77 -12.79 -21.97
N MET A 389 -19.83 -12.47 -21.23
CA MET A 389 -21.15 -12.96 -21.59
C MET A 389 -21.86 -12.01 -22.56
N LEU A 390 -21.90 -10.72 -22.24
CA LEU A 390 -22.69 -9.77 -23.01
C LEU A 390 -22.01 -9.29 -24.29
N GLU A 391 -20.76 -9.69 -24.52
CA GLU A 391 -20.04 -9.22 -25.70
C GLU A 391 -20.69 -9.74 -26.99
N GLY A 392 -21.29 -10.93 -26.95
CA GLY A 392 -21.89 -11.48 -28.14
C GLY A 392 -23.05 -10.66 -28.67
N LYS A 393 -23.95 -10.26 -27.77
CA LYS A 393 -25.10 -9.46 -28.17
C LYS A 393 -24.64 -8.01 -28.30
N GLY A 394 -25.06 -7.36 -29.39
CA GLY A 394 -24.57 -6.03 -29.70
C GLY A 394 -25.07 -4.92 -28.80
N TYR A 395 -24.94 -5.10 -27.48
CA TYR A 395 -25.27 -4.03 -26.56
C TYR A 395 -24.22 -2.92 -26.57
N ALA A 396 -23.04 -3.19 -27.13
CA ALA A 396 -22.03 -2.16 -27.31
C ALA A 396 -22.38 -1.18 -28.42
N ASP A 397 -23.44 -1.46 -29.19
CA ASP A 397 -23.84 -0.59 -30.28
C ASP A 397 -24.41 0.72 -29.73
N LYS A 398 -24.61 1.68 -30.64
CA LYS A 398 -25.11 2.99 -30.25
C LYS A 398 -26.54 2.95 -29.75
N GLU A 399 -27.26 1.84 -29.97
CA GLU A 399 -28.67 1.79 -29.60
C GLU A 399 -28.86 1.94 -28.10
N TYR A 400 -28.02 1.27 -27.30
CA TYR A 400 -28.12 1.30 -25.85
C TYR A 400 -27.02 2.14 -25.22
N ASP A 401 -26.60 3.20 -25.92
CA ASP A 401 -25.52 4.04 -25.40
C ASP A 401 -25.96 4.80 -24.16
N SER A 402 -27.20 5.28 -24.13
CA SER A 402 -27.67 6.06 -22.99
C SER A 402 -27.99 5.19 -21.79
N VAL A 403 -28.43 3.95 -22.01
CA VAL A 403 -28.86 3.09 -20.90
C VAL A 403 -27.80 2.09 -20.49
N ARG A 404 -26.61 2.13 -21.09
CA ARG A 404 -25.59 1.12 -20.80
C ARG A 404 -25.15 1.18 -19.34
N ASN A 405 -25.00 2.38 -18.80
CA ASN A 405 -24.43 2.55 -17.47
C ASN A 405 -25.24 1.79 -16.41
N LYS A 406 -26.55 1.99 -16.38
CA LYS A 406 -27.38 1.30 -15.40
C LYS A 406 -27.67 -0.15 -15.78
N LEU A 407 -27.81 -0.43 -17.08
CA LEU A 407 -28.10 -1.80 -17.52
C LEU A 407 -26.98 -2.75 -17.12
N TYR A 408 -25.73 -2.33 -17.33
CA TYR A 408 -24.60 -3.17 -16.95
C TYR A 408 -24.55 -3.38 -15.44
N GLN A 409 -24.77 -2.31 -14.67
CA GLN A 409 -24.75 -2.44 -13.22
C GLN A 409 -25.81 -3.42 -12.74
N MET A 410 -27.03 -3.33 -13.29
CA MET A 410 -28.06 -4.28 -12.92
C MET A 410 -27.73 -5.69 -13.40
N THR A 411 -27.02 -5.83 -14.52
CA THR A 411 -26.61 -7.15 -14.96
C THR A 411 -25.65 -7.80 -13.97
N ASP A 412 -24.63 -7.05 -13.53
CA ASP A 412 -23.74 -7.57 -12.50
C ASP A 412 -24.48 -7.84 -11.19
N PHE A 413 -25.47 -7.01 -10.85
CA PHE A 413 -26.25 -7.29 -9.65
C PHE A 413 -27.00 -8.62 -9.77
N ILE A 414 -27.63 -8.85 -10.92
CA ILE A 414 -28.35 -10.10 -11.13
C ILE A 414 -27.40 -11.29 -11.07
N LEU A 415 -26.22 -11.13 -11.67
CA LEU A 415 -25.21 -12.18 -11.61
C LEU A 415 -24.79 -12.47 -10.18
N TYR A 416 -24.61 -11.41 -9.38
CA TYR A 416 -24.18 -11.59 -7.99
C TYR A 416 -25.24 -12.33 -7.19
N THR A 417 -26.50 -11.89 -7.27
CA THR A 417 -27.56 -12.59 -6.56
C THR A 417 -27.83 -13.97 -7.13
N GLY A 418 -27.38 -14.26 -8.35
CA GLY A 418 -27.50 -15.59 -8.89
C GLY A 418 -26.46 -16.56 -8.35
N TYR A 419 -25.31 -16.05 -7.93
CA TYR A 419 -24.21 -16.88 -7.44
C TYR A 419 -24.22 -17.04 -5.93
N ILE A 420 -25.17 -16.44 -5.23
CA ILE A 420 -25.22 -16.53 -3.77
C ILE A 420 -26.51 -17.18 -3.27
N ASN A 421 -27.58 -17.19 -4.05
CA ASN A 421 -28.84 -17.80 -3.65
C ASN A 421 -28.98 -19.23 -4.14
N GLU A 422 -28.89 -19.46 -5.45
CA GLU A 422 -29.11 -20.78 -6.02
C GLU A 422 -27.81 -21.44 -6.50
N ASP A 423 -26.99 -20.71 -7.26
CA ASP A 423 -25.80 -21.29 -7.87
C ASP A 423 -24.57 -21.10 -6.96
N SER A 424 -24.68 -21.62 -5.74
CA SER A 424 -23.52 -21.62 -4.85
C SER A 424 -22.51 -22.68 -5.27
N ASP A 425 -22.99 -23.87 -5.63
CA ASP A 425 -22.09 -24.91 -6.10
C ASP A 425 -21.41 -24.52 -7.40
N ARG A 426 -22.11 -23.81 -8.28
CA ARG A 426 -21.49 -23.32 -9.51
C ARG A 426 -20.38 -22.34 -9.20
N ALA A 427 -20.60 -21.44 -8.24
CA ALA A 427 -19.55 -20.51 -7.85
C ALA A 427 -18.35 -21.24 -7.26
N ASP A 428 -18.60 -22.26 -6.43
CA ASP A 428 -17.51 -23.05 -5.87
C ASP A 428 -16.72 -23.75 -6.97
N ASP A 429 -17.43 -24.32 -7.96
CA ASP A 429 -16.73 -24.97 -9.06
C ASP A 429 -15.91 -23.98 -9.87
N LEU A 430 -16.44 -22.78 -10.10
CA LEU A 430 -15.71 -21.78 -10.85
C LEU A 430 -14.45 -21.35 -10.11
N VAL A 431 -14.56 -21.12 -8.80
CA VAL A 431 -13.38 -20.70 -8.05
C VAL A 431 -12.37 -21.83 -7.95
N ASN A 432 -12.83 -23.08 -7.87
CA ASN A 432 -11.91 -24.21 -7.85
C ASN A 432 -11.17 -24.34 -9.17
N THR A 433 -11.87 -24.18 -10.29
CA THR A 433 -11.20 -24.22 -11.59
C THR A 433 -10.21 -23.06 -11.72
N LEU A 434 -10.56 -21.90 -11.20
CA LEU A 434 -9.63 -20.77 -11.21
C LEU A 434 -8.38 -21.09 -10.40
N ARG A 435 -8.55 -21.70 -9.22
CA ARG A 435 -7.40 -21.99 -8.38
C ARG A 435 -6.53 -23.10 -8.96
N SER A 436 -7.14 -24.07 -9.65
CA SER A 436 -6.38 -25.19 -10.19
C SER A 436 -5.70 -24.90 -11.51
N SER A 437 -5.96 -23.75 -12.11
CA SER A 437 -5.34 -23.42 -13.39
C SER A 437 -3.85 -23.14 -13.21
N LEU A 438 -3.04 -23.65 -14.14
CA LEU A 438 -1.61 -23.47 -14.12
C LEU A 438 -1.13 -22.37 -15.07
N LYS A 439 -2.04 -21.70 -15.76
CA LYS A 439 -1.66 -20.71 -16.76
C LYS A 439 -2.81 -19.72 -16.91
N GLU A 440 -2.66 -18.80 -17.87
CA GLU A 440 -3.69 -17.79 -18.14
C GLU A 440 -4.69 -18.23 -19.20
N ASP A 441 -4.35 -19.21 -20.03
CA ASP A 441 -5.29 -19.66 -21.06
C ASP A 441 -6.53 -20.30 -20.46
N ASP A 442 -6.37 -21.11 -19.41
CA ASP A 442 -7.52 -21.75 -18.79
C ASP A 442 -8.43 -20.74 -18.11
N LYS A 443 -7.84 -19.71 -17.49
CA LYS A 443 -8.61 -18.70 -16.77
C LYS A 443 -9.58 -17.93 -17.65
N THR A 444 -9.38 -17.94 -18.97
CA THR A 444 -10.32 -17.33 -19.91
C THR A 444 -11.28 -18.34 -20.49
N THR A 445 -10.81 -19.56 -20.75
CA THR A 445 -11.69 -20.61 -21.26
C THR A 445 -12.80 -20.94 -20.28
N VAL A 446 -12.46 -21.03 -18.99
CA VAL A 446 -13.49 -21.31 -17.99
C VAL A 446 -14.47 -20.15 -17.88
N TYR A 447 -13.98 -18.91 -17.99
CA TYR A 447 -14.87 -17.76 -17.95
C TYR A 447 -15.85 -17.80 -19.11
N CYS A 448 -15.37 -18.10 -20.31
CA CYS A 448 -16.26 -18.18 -21.47
C CYS A 448 -17.26 -19.32 -21.32
N LYS A 449 -16.81 -20.48 -20.82
CA LYS A 449 -17.70 -21.60 -20.63
C LYS A 449 -18.81 -21.26 -19.64
N GLU A 450 -18.46 -20.59 -18.54
CA GLU A 450 -19.48 -20.17 -17.58
C GLU A 450 -20.40 -19.12 -18.18
N ALA A 451 -19.85 -18.19 -18.97
CA ALA A 451 -20.66 -17.12 -19.55
C ALA A 451 -21.68 -17.66 -20.54
N ASP A 452 -21.36 -18.75 -21.23
CA ASP A 452 -22.34 -19.35 -22.13
C ASP A 452 -23.60 -19.76 -21.36
N TYR A 453 -23.42 -20.49 -20.26
CA TYR A 453 -24.55 -20.90 -19.44
C TYR A 453 -25.23 -19.68 -18.82
N LEU A 454 -24.44 -18.68 -18.42
CA LEU A 454 -25.03 -17.48 -17.83
C LEU A 454 -25.96 -16.78 -18.81
N TRP A 455 -25.54 -16.65 -20.06
CA TRP A 455 -26.41 -16.11 -21.10
C TRP A 455 -27.65 -16.99 -21.25
N LYS A 456 -27.45 -18.29 -21.45
CA LYS A 456 -28.57 -19.18 -21.72
C LYS A 456 -29.58 -19.20 -20.57
N LYS A 457 -29.18 -18.78 -19.38
CA LYS A 457 -30.10 -18.71 -18.26
C LYS A 457 -30.70 -17.33 -18.04
N TYR A 458 -29.94 -16.26 -18.23
CA TYR A 458 -30.37 -14.91 -17.87
C TYR A 458 -30.68 -14.02 -19.07
N ARG A 459 -30.81 -14.59 -20.28
CA ARG A 459 -31.13 -13.76 -21.43
C ARG A 459 -32.45 -13.03 -21.25
N GLU A 460 -33.48 -13.73 -20.74
CA GLU A 460 -34.79 -13.12 -20.57
C GLU A 460 -34.73 -11.97 -19.57
N SER A 461 -34.05 -12.17 -18.44
CA SER A 461 -33.97 -11.12 -17.44
C SER A 461 -33.18 -9.92 -17.96
N ILE A 462 -32.08 -10.16 -18.67
CA ILE A 462 -31.30 -9.05 -19.21
C ILE A 462 -32.14 -8.28 -20.23
N ARG A 463 -32.87 -8.98 -21.09
CA ARG A 463 -33.71 -8.30 -22.07
C ARG A 463 -34.81 -7.49 -21.38
N GLU A 464 -35.42 -8.05 -20.33
CA GLU A 464 -36.46 -7.32 -19.62
C GLU A 464 -35.90 -6.05 -18.98
N VAL A 465 -34.73 -6.14 -18.34
CA VAL A 465 -34.13 -4.96 -17.75
C VAL A 465 -33.80 -3.93 -18.81
N ALA A 466 -33.24 -4.37 -19.94
CA ALA A 466 -32.88 -3.45 -21.00
C ALA A 466 -34.10 -2.74 -21.57
N ASP A 467 -35.20 -3.47 -21.77
CA ASP A 467 -36.39 -2.84 -22.33
C ASP A 467 -37.06 -1.92 -21.31
N ALA A 468 -37.02 -2.27 -20.03
CA ALA A 468 -37.57 -1.37 -19.00
C ALA A 468 -36.76 -0.09 -18.90
N LEU A 469 -35.43 -0.19 -18.99
CA LEU A 469 -34.60 1.00 -18.89
C LEU A 469 -34.65 1.84 -20.15
N ASP A 470 -34.85 1.21 -21.31
CA ASP A 470 -34.93 1.95 -22.56
C ASP A 470 -36.17 2.83 -22.64
N GLY A 471 -37.17 2.56 -21.79
CA GLY A 471 -38.36 3.39 -21.75
C GLY A 471 -38.11 4.65 -20.96
N ASP A 472 -37.41 5.62 -21.57
CA ASP A 472 -37.10 6.87 -20.89
C ASP A 472 -38.36 7.55 -20.37
N ASN A 473 -39.45 7.48 -21.13
CA ASN A 473 -40.74 7.93 -20.61
C ASN A 473 -41.14 7.11 -19.38
N ILE A 474 -41.02 5.78 -19.48
CA ILE A 474 -41.37 4.93 -18.34
C ILE A 474 -40.33 5.05 -17.24
N LYS A 475 -39.08 5.37 -17.60
CA LYS A 475 -38.06 5.60 -16.58
C LYS A 475 -38.39 6.83 -15.76
N LYS A 476 -38.79 7.92 -16.41
CA LYS A 476 -39.24 9.10 -15.69
C LYS A 476 -40.50 8.81 -14.90
N LEU A 477 -41.41 8.01 -15.47
CA LEU A 477 -42.63 7.66 -14.75
C LEU A 477 -42.33 6.87 -13.49
N SER A 478 -41.21 6.15 -13.46
CA SER A 478 -40.82 5.35 -12.30
C SER A 478 -39.87 6.08 -11.36
N LYS A 479 -39.59 7.35 -11.60
CA LYS A 479 -38.66 8.11 -10.77
C LYS A 479 -39.35 9.07 -9.81
N SER A 480 -40.56 9.53 -10.12
CA SER A 480 -41.24 10.52 -9.32
C SER A 480 -42.11 9.93 -8.22
N ASN A 481 -42.11 8.61 -8.05
CA ASN A 481 -42.98 7.94 -7.09
C ASN A 481 -42.14 7.31 -6.00
N ILE A 482 -42.44 7.66 -4.74
CA ILE A 482 -41.71 7.18 -3.58
C ILE A 482 -42.63 6.24 -2.81
N GLU A 483 -42.28 4.96 -2.78
CA GLU A 483 -43.03 3.99 -2.00
C GLU A 483 -42.11 3.01 -1.26
N ILE A 484 -40.82 3.32 -1.16
CA ILE A 484 -39.86 2.39 -0.61
C ILE A 484 -39.92 2.41 0.91
N GLN A 485 -39.82 1.23 1.51
CA GLN A 485 -39.71 1.11 2.95
C GLN A 485 -38.26 1.37 3.36
N GLU A 486 -38.04 2.34 4.24
CA GLU A 486 -36.68 2.77 4.54
C GLU A 486 -36.31 2.69 6.01
N ASP A 487 -37.22 3.06 6.92
CA ASP A 487 -36.86 3.09 8.33
C ASP A 487 -36.74 1.70 8.95
N LYS A 488 -37.14 0.66 8.23
CA LYS A 488 -37.00 -0.72 8.67
C LYS A 488 -35.86 -1.37 7.91
N LEU A 489 -35.21 -2.34 8.56
CA LEU A 489 -34.10 -3.09 7.97
C LEU A 489 -32.94 -2.16 7.60
N ARG A 490 -32.56 -1.30 8.53
CA ARG A 490 -31.39 -0.45 8.38
C ARG A 490 -30.13 -1.07 8.98
N LYS A 491 -30.22 -2.32 9.46
CA LYS A 491 -29.07 -3.00 10.04
C LYS A 491 -27.99 -3.28 9.00
N CYS A 492 -28.30 -3.17 7.71
CA CYS A 492 -27.31 -3.33 6.67
C CYS A 492 -26.48 -2.06 6.42
N PHE A 493 -26.87 -0.95 7.04
CA PHE A 493 -26.20 0.33 6.77
C PHE A 493 -24.77 0.32 7.31
N ILE A 494 -23.97 1.24 6.80
CA ILE A 494 -22.60 1.37 7.26
C ILE A 494 -22.60 1.81 8.71
N SER A 495 -21.85 1.09 9.54
CA SER A 495 -21.77 1.45 10.96
C SER A 495 -21.11 2.81 11.12
N TYR A 496 -21.65 3.61 12.03
CA TYR A 496 -21.15 4.96 12.28
C TYR A 496 -19.85 4.88 13.09
N ALA A 497 -19.35 6.03 13.50
CA ALA A 497 -18.09 6.07 14.25
C ALA A 497 -18.24 5.58 15.68
N ASP A 498 -19.47 5.50 16.19
CA ASP A 498 -19.69 5.07 17.56
C ASP A 498 -19.62 3.56 17.73
N SER A 499 -19.53 2.79 16.64
CA SER A 499 -19.45 1.34 16.70
C SER A 499 -18.15 0.76 16.17
N VAL A 500 -17.40 1.51 15.36
CA VAL A 500 -16.14 1.01 14.85
C VAL A 500 -15.04 1.19 15.90
N SER A 501 -13.99 0.39 15.77
CA SER A 501 -12.87 0.45 16.70
C SER A 501 -12.01 1.67 16.42
N GLU A 502 -11.18 2.02 17.41
CA GLU A 502 -10.29 3.16 17.27
C GLU A 502 -9.22 2.90 16.22
N PHE A 503 -8.82 1.64 16.04
CA PHE A 503 -7.79 1.32 15.06
C PHE A 503 -8.25 1.67 13.65
N THR A 504 -9.48 1.31 13.30
CA THR A 504 -9.99 1.61 11.97
C THR A 504 -10.13 3.11 11.75
N LYS A 505 -10.58 3.85 12.77
CA LYS A 505 -10.69 5.30 12.63
C LYS A 505 -9.32 5.94 12.47
N LEU A 506 -8.32 5.47 13.22
CA LEU A 506 -6.97 5.98 13.06
C LEU A 506 -6.43 5.68 11.67
N ILE A 507 -6.73 4.48 11.15
CA ILE A 507 -6.31 4.12 9.80
C ILE A 507 -6.95 5.05 8.78
N TYR A 508 -8.23 5.35 8.95
CA TYR A 508 -8.90 6.26 8.03
C TYR A 508 -8.29 7.66 8.10
N LEU A 509 -8.00 8.15 9.31
CA LEU A 509 -7.36 9.45 9.45
C LEU A 509 -6.00 9.46 8.77
N LEU A 510 -5.26 8.36 8.88
CA LEU A 510 -3.98 8.24 8.18
C LEU A 510 -4.18 8.28 6.67
N THR A 511 -5.19 7.57 6.18
CA THR A 511 -5.46 7.55 4.74
C THR A 511 -5.95 8.90 4.22
N ARG A 512 -6.41 9.78 5.09
CA ARG A 512 -6.83 11.11 4.64
C ARG A 512 -5.65 12.01 4.26
N PHE A 513 -4.43 11.48 4.16
CA PHE A 513 -3.27 12.28 3.80
C PHE A 513 -2.48 11.69 2.63
N LEU A 514 -3.00 10.68 1.95
CA LEU A 514 -2.27 9.99 0.89
C LEU A 514 -3.11 9.93 -0.37
N SER A 515 -2.46 9.60 -1.48
CA SER A 515 -3.12 9.49 -2.77
C SER A 515 -3.88 8.16 -2.87
N GLY A 516 -4.79 8.10 -3.84
CA GLY A 516 -5.72 6.98 -3.91
C GLY A 516 -5.05 5.64 -4.09
N LYS A 517 -4.02 5.58 -4.93
CA LYS A 517 -3.29 4.33 -5.11
C LYS A 517 -2.67 3.85 -3.80
N GLU A 518 -2.08 4.78 -3.05
CA GLU A 518 -1.52 4.43 -1.76
C GLU A 518 -2.60 3.94 -0.79
N ILE A 519 -3.77 4.57 -0.83
CA ILE A 519 -4.87 4.15 0.02
C ILE A 519 -5.28 2.72 -0.31
N ASN A 520 -5.44 2.43 -1.60
CA ASN A 520 -5.83 1.09 -2.00
C ASN A 520 -4.79 0.07 -1.59
N ASP A 521 -3.51 0.38 -1.81
CA ASP A 521 -2.45 -0.55 -1.43
C ASP A 521 -2.46 -0.82 0.07
N LEU A 522 -2.54 0.25 0.88
CA LEU A 522 -2.51 0.09 2.33
C LEU A 522 -3.70 -0.71 2.83
N VAL A 523 -4.90 -0.36 2.37
CA VAL A 523 -6.11 -1.04 2.85
C VAL A 523 -6.10 -2.50 2.42
N THR A 524 -5.74 -2.78 1.17
CA THR A 524 -5.69 -4.16 0.70
C THR A 524 -4.66 -4.98 1.49
N THR A 525 -3.48 -4.40 1.75
CA THR A 525 -2.47 -5.11 2.51
C THR A 525 -2.96 -5.40 3.93
N LEU A 526 -3.59 -4.43 4.57
CA LEU A 526 -4.09 -4.66 5.92
C LEU A 526 -5.17 -5.73 5.94
N ILE A 527 -6.09 -5.69 4.98
CA ILE A 527 -7.14 -6.70 4.91
C ILE A 527 -6.54 -8.08 4.72
N ASN A 528 -5.57 -8.20 3.81
CA ASN A 528 -4.95 -9.50 3.56
C ASN A 528 -4.24 -10.03 4.80
N LYS A 529 -3.48 -9.16 5.49
CA LYS A 529 -2.75 -9.62 6.66
C LYS A 529 -3.70 -10.01 7.79
N PHE A 530 -4.77 -9.24 7.99
CA PHE A 530 -5.73 -9.60 9.04
C PHE A 530 -6.46 -10.89 8.70
N ASP A 531 -6.76 -11.12 7.43
CA ASP A 531 -7.34 -12.40 7.02
C ASP A 531 -6.38 -13.54 7.28
N ASN A 532 -5.09 -13.32 7.01
CA ASN A 532 -4.08 -14.33 7.32
C ASN A 532 -4.08 -14.66 8.80
N ILE A 533 -4.11 -13.62 9.64
CA ILE A 533 -4.10 -13.82 11.09
C ILE A 533 -5.33 -14.60 11.53
N ARG A 534 -6.49 -14.24 11.00
CA ARG A 534 -7.73 -14.94 11.37
C ARG A 534 -7.68 -16.40 10.96
N SER A 535 -7.21 -16.67 9.74
CA SER A 535 -7.14 -18.06 9.29
C SER A 535 -6.18 -18.87 10.14
N PHE A 536 -5.02 -18.29 10.49
CA PHE A 536 -4.07 -19.02 11.33
C PHE A 536 -4.64 -19.27 12.72
N LEU A 537 -5.36 -18.28 13.28
CA LEU A 537 -5.98 -18.49 14.58
C LEU A 537 -7.02 -19.60 14.53
N GLU A 538 -7.82 -19.63 13.46
CA GLU A 538 -8.80 -20.71 13.31
C GLU A 538 -8.11 -22.06 13.21
N ILE A 539 -7.00 -22.13 12.47
CA ILE A 539 -6.27 -23.38 12.34
C ILE A 539 -5.75 -23.84 13.70
N MET A 540 -5.17 -22.91 14.47
CA MET A 540 -4.65 -23.26 15.79
C MET A 540 -5.77 -23.72 16.71
N ASP A 541 -6.93 -23.06 16.65
CA ASP A 541 -8.07 -23.49 17.46
C ASP A 541 -8.53 -24.88 17.08
N GLU A 542 -8.58 -25.18 15.78
CA GLU A 542 -8.99 -26.50 15.34
C GLU A 542 -8.00 -27.57 15.78
N LEU A 543 -6.71 -27.27 15.70
CA LEU A 543 -5.68 -28.25 16.07
C LEU A 543 -5.55 -28.42 17.58
N GLY A 544 -6.17 -27.57 18.38
CA GLY A 544 -6.03 -27.65 19.82
C GLY A 544 -4.82 -26.96 20.38
N LEU A 545 -4.06 -26.24 19.56
CA LEU A 545 -2.87 -25.56 20.04
C LEU A 545 -3.25 -24.32 20.85
N ASP A 546 -2.33 -23.91 21.71
CA ASP A 546 -2.54 -22.70 22.52
C ASP A 546 -2.37 -21.47 21.64
N ARG A 547 -3.33 -20.55 21.72
CA ARG A 547 -3.32 -19.35 20.90
C ARG A 547 -3.63 -18.09 21.71
N THR A 548 -3.71 -18.18 23.03
CA THR A 548 -4.02 -17.02 23.85
C THR A 548 -2.85 -16.05 23.82
N PHE A 549 -3.06 -14.89 23.22
CA PHE A 549 -2.03 -13.85 23.20
C PHE A 549 -1.75 -13.36 24.61
N THR A 550 -0.62 -12.70 24.77
CA THR A 550 -0.29 -12.09 26.05
C THR A 550 -1.22 -10.90 26.31
N ALA A 551 -1.21 -10.43 27.56
CA ALA A 551 -2.13 -9.37 27.97
C ALA A 551 -1.91 -8.09 27.16
N GLU A 552 -0.69 -7.87 26.68
CA GLU A 552 -0.41 -6.65 25.94
C GLU A 552 -0.93 -6.69 24.51
N TYR A 553 -1.05 -7.89 23.93
CA TYR A 553 -1.46 -8.03 22.54
C TYR A 553 -2.85 -8.64 22.39
N SER A 554 -3.65 -8.62 23.45
CA SER A 554 -4.98 -9.22 23.40
C SER A 554 -5.86 -8.57 22.34
N PHE A 555 -5.50 -7.38 21.88
CA PHE A 555 -6.18 -6.75 20.77
C PHE A 555 -6.30 -7.70 19.58
N PHE A 556 -5.21 -8.40 19.26
CA PHE A 556 -5.24 -9.29 18.10
C PHE A 556 -6.22 -10.44 18.28
N GLU A 557 -6.65 -10.73 19.51
CA GLU A 557 -7.66 -11.75 19.71
C GLU A 557 -8.98 -11.39 19.02
N GLY A 558 -9.24 -10.10 18.80
CA GLY A 558 -10.44 -9.71 18.10
C GLY A 558 -10.18 -9.45 16.64
N SER A 559 -9.05 -9.95 16.14
CA SER A 559 -8.57 -9.59 14.79
C SER A 559 -9.65 -9.77 13.74
N THR A 560 -10.39 -10.89 13.81
CA THR A 560 -11.43 -11.16 12.82
C THR A 560 -12.38 -9.98 12.68
N LYS A 561 -12.89 -9.49 13.81
CA LYS A 561 -13.79 -8.34 13.77
C LYS A 561 -13.12 -7.16 13.10
N TYR A 562 -11.87 -6.87 13.47
CA TYR A 562 -11.14 -5.78 12.82
C TYR A 562 -11.12 -5.97 11.32
N LEU A 563 -10.86 -7.21 10.86
CA LEU A 563 -10.86 -7.48 9.44
C LEU A 563 -12.14 -6.99 8.79
N ALA A 564 -13.28 -7.35 9.38
CA ALA A 564 -14.56 -6.91 8.84
C ALA A 564 -14.58 -5.39 8.67
N GLU A 565 -14.20 -4.67 9.72
CA GLU A 565 -14.21 -3.22 9.65
C GLU A 565 -13.34 -2.74 8.51
N LEU A 566 -12.15 -3.31 8.37
CA LEU A 566 -11.26 -2.91 7.29
C LEU A 566 -11.91 -3.18 5.94
N VAL A 567 -12.53 -4.35 5.79
CA VAL A 567 -13.27 -4.63 4.57
C VAL A 567 -14.36 -3.60 4.38
N GLU A 568 -15.08 -3.29 5.46
CA GLU A 568 -16.08 -2.23 5.41
C GLU A 568 -15.43 -0.91 5.03
N LEU A 569 -14.26 -0.63 5.60
CA LEU A 569 -13.55 0.60 5.24
C LEU A 569 -13.19 0.61 3.76
N ASN A 570 -12.90 -0.55 3.19
CA ASN A 570 -12.56 -0.61 1.78
C ASN A 570 -13.75 -0.29 0.89
N SER A 571 -14.96 -0.26 1.44
CA SER A 571 -16.14 -0.03 0.62
C SER A 571 -16.21 1.41 0.12
N PHE A 572 -15.83 2.38 0.95
CA PHE A 572 -16.12 3.77 0.67
C PHE A 572 -14.94 4.72 0.76
N VAL A 573 -13.74 4.26 1.09
CA VAL A 573 -12.64 5.18 1.28
C VAL A 573 -12.13 5.66 -0.07
N LYS A 574 -12.00 6.98 -0.21
CA LYS A 574 -11.50 7.57 -1.44
C LYS A 574 -10.36 8.53 -1.14
N SER A 575 -9.91 9.27 -2.15
CA SER A 575 -8.87 10.28 -1.95
C SER A 575 -9.47 11.46 -1.20
N CYS A 576 -8.68 12.51 -1.02
CA CYS A 576 -9.14 13.71 -0.34
C CYS A 576 -9.65 14.73 -1.34
N SER A 577 -10.55 15.59 -0.87
CA SER A 577 -11.22 16.56 -1.72
C SER A 577 -10.69 17.96 -1.41
N PHE A 578 -10.35 18.69 -2.47
CA PHE A 578 -9.94 20.08 -2.32
C PHE A 578 -11.13 20.93 -1.89
N ASP A 579 -10.89 21.86 -0.97
CA ASP A 579 -11.96 22.71 -0.46
C ASP A 579 -12.46 23.65 -1.54
N ILE A 580 -13.78 23.83 -1.61
CA ILE A 580 -14.37 24.65 -2.66
C ILE A 580 -14.02 26.12 -2.46
N ASN A 581 -14.06 26.60 -1.22
CA ASN A 581 -13.77 28.01 -0.96
C ASN A 581 -12.32 28.36 -1.24
N ALA A 582 -11.43 27.37 -1.16
CA ALA A 582 -10.00 27.59 -1.39
C ALA A 582 -9.61 27.46 -2.85
N LYS A 583 -10.58 27.46 -3.77
CA LYS A 583 -10.26 27.35 -5.18
C LYS A 583 -9.43 28.55 -5.66
N ARG A 584 -9.56 29.69 -4.97
CA ARG A 584 -8.78 30.87 -5.31
C ARG A 584 -7.41 30.91 -4.65
N THR A 585 -7.27 30.35 -3.45
CA THR A 585 -5.97 30.31 -2.80
C THR A 585 -4.99 29.41 -3.52
N MET A 586 -5.48 28.38 -4.21
CA MET A 586 -4.65 27.48 -4.99
C MET A 586 -4.35 28.03 -6.38
N TYR A 587 -4.89 29.20 -6.71
CA TYR A 587 -4.63 29.81 -8.02
C TYR A 587 -3.16 30.11 -8.19
N ARG A 588 -2.51 30.64 -7.15
CA ARG A 588 -1.09 30.97 -7.24
C ARG A 588 -0.25 29.72 -7.43
N ASP A 589 -0.55 28.65 -6.68
CA ASP A 589 0.23 27.42 -6.80
C ASP A 589 0.09 26.81 -8.19
N ALA A 590 -1.14 26.74 -8.70
CA ALA A 590 -1.35 26.20 -10.04
C ALA A 590 -0.70 27.06 -11.11
N LEU A 591 -0.76 28.38 -10.94
CA LEU A 591 -0.18 29.27 -11.93
C LEU A 591 1.34 29.24 -11.89
N ASP A 592 1.93 28.88 -10.74
CA ASP A 592 3.38 28.85 -10.60
C ASP A 592 3.99 27.48 -10.85
N ILE A 593 3.20 26.40 -10.81
CA ILE A 593 3.74 25.08 -11.11
C ILE A 593 4.24 25.02 -12.55
N LEU A 594 3.64 25.82 -13.44
CA LEU A 594 4.11 25.96 -14.81
C LEU A 594 5.08 27.13 -14.97
N GLY A 595 5.30 27.91 -13.92
CA GLY A 595 6.24 29.01 -13.96
C GLY A 595 5.85 30.14 -14.90
N ILE A 596 4.56 30.47 -14.98
CA ILE A 596 4.13 31.56 -15.84
C ILE A 596 4.59 32.90 -15.29
N GLU A 597 4.42 33.12 -13.99
CA GLU A 597 4.74 34.40 -13.38
C GLU A 597 4.90 34.26 -11.87
N ASN A 627 -6.21 39.02 -22.40
CA ASN A 627 -6.18 39.00 -20.94
C ASN A 627 -7.11 37.93 -20.39
N GLY A 628 -6.83 37.46 -19.17
CA GLY A 628 -7.64 36.44 -18.54
C GLY A 628 -7.33 35.03 -18.97
N LEU A 629 -6.36 34.83 -19.86
CA LEU A 629 -5.98 33.48 -20.26
C LEU A 629 -5.35 32.71 -19.11
N ARG A 630 -4.62 33.39 -18.23
CA ARG A 630 -4.05 32.73 -17.08
C ARG A 630 -5.12 32.15 -16.17
N ASN A 631 -6.31 32.76 -16.14
CA ASN A 631 -7.43 32.15 -15.42
C ASN A 631 -7.81 30.82 -16.06
N PHE A 632 -7.84 30.76 -17.39
CA PHE A 632 -8.12 29.50 -18.07
C PHE A 632 -7.06 28.46 -17.76
N ILE A 633 -5.80 28.86 -17.75
CA ILE A 633 -4.71 27.93 -17.44
C ILE A 633 -4.86 27.40 -16.02
N ALA A 634 -5.16 28.28 -15.06
CA ALA A 634 -5.33 27.84 -13.68
C ALA A 634 -6.50 26.88 -13.55
N SER A 635 -7.62 27.18 -14.23
CA SER A 635 -8.78 26.30 -14.15
C SER A 635 -8.47 24.93 -14.76
N ASN A 636 -7.73 24.91 -15.86
CA ASN A 636 -7.39 23.63 -16.49
C ASN A 636 -6.30 22.87 -15.75
N VAL A 637 -5.54 23.55 -14.89
CA VAL A 637 -4.52 22.87 -14.11
C VAL A 637 -5.09 22.33 -12.80
N ILE A 638 -5.95 23.10 -12.14
CA ILE A 638 -6.45 22.73 -10.82
C ILE A 638 -7.22 21.42 -10.87
N ASP A 639 -8.11 21.29 -11.85
CA ASP A 639 -8.99 20.13 -11.91
C ASP A 639 -8.25 18.84 -12.25
N SER A 640 -7.00 18.92 -12.69
CA SER A 640 -6.24 17.71 -13.00
C SER A 640 -6.04 16.88 -11.73
N ASN A 641 -6.21 15.57 -11.87
CA ASN A 641 -6.04 14.69 -10.71
C ASN A 641 -4.59 14.59 -10.28
N ARG A 642 -3.65 14.80 -11.21
CA ARG A 642 -2.23 14.73 -10.88
C ARG A 642 -1.75 15.97 -10.15
N PHE A 643 -2.48 17.08 -10.24
CA PHE A 643 -2.10 18.29 -9.52
C PHE A 643 -2.15 18.07 -8.01
N LYS A 644 -3.13 17.29 -7.54
CA LYS A 644 -3.22 16.99 -6.12
C LYS A 644 -1.95 16.32 -5.63
N TYR A 645 -1.49 15.29 -6.34
CA TYR A 645 -0.26 14.61 -5.96
C TYR A 645 0.95 15.53 -6.09
N LEU A 646 0.99 16.34 -7.16
CA LEU A 646 2.16 17.18 -7.38
C LEU A 646 2.29 18.27 -6.32
N VAL A 647 1.18 18.72 -5.75
CA VAL A 647 1.24 19.79 -4.76
C VAL A 647 1.34 19.23 -3.34
N ARG A 648 0.57 18.18 -3.02
CA ARG A 648 0.60 17.61 -1.69
C ARG A 648 1.94 16.99 -1.35
N TYR A 649 2.73 16.60 -2.35
CA TYR A 649 4.00 15.92 -2.12
C TYR A 649 5.19 16.68 -2.69
N GLY A 650 5.01 17.92 -3.13
CA GLY A 650 6.12 18.67 -3.70
C GLY A 650 5.80 20.14 -3.78
N ASN A 651 6.85 20.96 -3.70
CA ASN A 651 6.71 22.40 -3.86
C ASN A 651 6.56 22.73 -5.34
N PRO A 652 5.49 23.42 -5.75
CA PRO A 652 5.29 23.67 -7.19
C PRO A 652 6.45 24.39 -7.87
N LYS A 653 7.09 25.34 -7.20
CA LYS A 653 8.25 26.00 -7.79
C LYS A 653 9.40 25.01 -7.97
N LYS A 654 9.61 24.14 -6.99
CA LYS A 654 10.64 23.11 -7.12
C LYS A 654 10.30 22.13 -8.24
N ILE A 655 9.02 21.80 -8.40
CA ILE A 655 8.61 20.93 -9.49
C ILE A 655 8.89 21.59 -10.84
N ARG A 656 8.58 22.88 -10.95
CA ARG A 656 8.89 23.60 -12.19
C ARG A 656 10.39 23.60 -12.45
N GLU A 657 11.20 23.81 -11.41
CA GLU A 657 12.65 23.81 -11.59
C GLU A 657 13.15 22.44 -12.04
N THR A 658 12.67 21.37 -11.42
CA THR A 658 13.12 20.03 -11.79
C THR A 658 12.55 19.58 -13.12
N ALA A 659 11.52 20.25 -13.64
CA ALA A 659 11.06 19.95 -14.99
C ALA A 659 12.08 20.33 -16.05
N LYS A 660 13.07 21.14 -15.70
CA LYS A 660 14.12 21.53 -16.65
C LYS A 660 15.17 20.45 -16.84
N CYS A 661 15.16 19.40 -16.03
CA CYS A 661 16.11 18.31 -16.18
C CYS A 661 15.73 17.46 -17.38
N LYS A 662 16.29 17.79 -18.54
CA LYS A 662 15.91 17.10 -19.77
C LYS A 662 16.13 15.59 -19.73
N PRO A 663 17.25 15.06 -19.22
CA PRO A 663 17.38 13.59 -19.16
C PRO A 663 16.29 12.91 -18.33
N ALA A 664 15.88 13.50 -17.22
CA ALA A 664 14.85 12.87 -16.39
C ALA A 664 13.52 12.82 -17.12
N VAL A 665 13.08 13.95 -17.67
CA VAL A 665 11.82 14.00 -18.41
C VAL A 665 11.89 13.08 -19.62
N ARG A 666 13.06 13.02 -20.26
CA ARG A 666 13.24 12.13 -21.40
C ARG A 666 13.06 10.67 -20.99
N PHE A 667 13.58 10.29 -19.82
CA PHE A 667 13.39 8.91 -19.37
C PHE A 667 11.93 8.62 -19.06
N VAL A 668 11.25 9.57 -18.40
CA VAL A 668 9.83 9.36 -18.10
C VAL A 668 9.03 9.21 -19.39
N LEU A 669 9.38 9.99 -20.42
CA LEU A 669 8.70 9.85 -21.69
C LEU A 669 9.06 8.54 -22.38
N ASN A 670 10.30 8.07 -22.20
CA ASN A 670 10.69 6.78 -22.75
C ASN A 670 9.92 5.63 -22.12
N GLU A 671 9.58 5.77 -20.83
CA GLU A 671 8.75 4.75 -20.19
C GLU A 671 7.36 4.68 -20.81
N ILE A 672 6.90 5.77 -21.40
CA ILE A 672 5.59 5.79 -22.05
C ILE A 672 5.70 5.07 -23.40
N PRO A 673 4.75 4.18 -23.72
CA PRO A 673 4.85 3.44 -24.99
C PRO A 673 4.72 4.35 -26.20
N ASP A 674 4.89 3.75 -27.38
CA ASP A 674 4.98 4.52 -28.61
C ASP A 674 3.64 5.11 -29.00
N ALA A 675 2.55 4.34 -28.89
CA ALA A 675 1.25 4.83 -29.32
C ALA A 675 0.81 6.03 -28.49
N GLN A 676 1.03 5.98 -27.18
CA GLN A 676 0.65 7.11 -26.33
C GLN A 676 1.48 8.35 -26.67
N ILE A 677 2.77 8.17 -26.97
CA ILE A 677 3.60 9.30 -27.35
C ILE A 677 3.12 9.90 -28.66
N GLU A 678 2.74 9.04 -29.61
CA GLU A 678 2.22 9.54 -30.88
C GLU A 678 0.92 10.32 -30.66
N ARG A 679 0.04 9.82 -29.81
CA ARG A 679 -1.19 10.54 -29.50
C ARG A 679 -0.89 11.89 -28.85
N TYR A 680 0.06 11.91 -27.91
CA TYR A 680 0.43 13.17 -27.27
C TYR A 680 0.97 14.16 -28.27
N TYR A 681 1.83 13.71 -29.18
CA TYR A 681 2.41 14.59 -30.18
C TYR A 681 1.34 15.12 -31.12
N GLU A 682 0.41 14.26 -31.54
CA GLU A 682 -0.65 14.72 -32.42
C GLU A 682 -1.61 15.66 -31.72
N ALA A 683 -1.77 15.54 -30.40
CA ALA A 683 -2.63 16.47 -29.67
C ALA A 683 -1.94 17.80 -29.42
N CYS A 684 -0.63 17.79 -29.21
CA CYS A 684 0.11 19.00 -28.86
C CYS A 684 0.75 19.69 -30.08
N CYS A 685 0.52 19.17 -31.28
CA CYS A 685 1.11 19.75 -32.48
C CYS A 685 0.23 19.40 -33.67
N PRO A 686 0.24 20.22 -34.73
CA PRO A 686 -0.53 19.91 -35.95
C PRO A 686 0.14 18.87 -36.84
N CYS A 692 9.86 11.46 -38.86
CA CYS A 692 9.13 11.65 -37.60
C CYS A 692 9.01 10.34 -36.85
N SER A 693 10.13 9.79 -36.42
CA SER A 693 10.12 8.53 -35.68
C SER A 693 9.61 8.76 -34.26
N ALA A 694 9.38 7.65 -33.55
CA ALA A 694 8.90 7.74 -32.18
C ALA A 694 9.91 8.44 -31.28
N ASN A 695 11.20 8.12 -31.44
CA ASN A 695 12.22 8.76 -30.62
C ASN A 695 12.30 10.26 -30.90
N LYS A 696 12.17 10.66 -32.17
CA LYS A 696 12.22 12.07 -32.50
C LYS A 696 11.06 12.82 -31.87
N ARG A 697 9.85 12.25 -31.93
CA ARG A 697 8.70 12.89 -31.29
C ARG A 697 8.87 12.95 -29.78
N ARG A 698 9.43 11.89 -29.18
CA ARG A 698 9.69 11.90 -27.75
C ARG A 698 10.66 13.01 -27.38
N GLU A 699 11.73 13.18 -28.16
CA GLU A 699 12.69 14.24 -27.89
C GLU A 699 12.05 15.61 -28.06
N LYS A 700 11.21 15.77 -29.08
CA LYS A 700 10.52 17.04 -29.28
C LYS A 700 9.60 17.37 -28.10
N LEU A 701 8.88 16.36 -27.60
CA LEU A 701 8.02 16.58 -26.44
C LEU A 701 8.83 16.94 -25.21
N ALA A 702 9.95 16.24 -24.99
CA ALA A 702 10.80 16.54 -23.84
C ALA A 702 11.39 17.94 -23.94
N ASP A 703 11.68 18.40 -25.16
CA ASP A 703 12.18 19.75 -25.35
C ASP A 703 11.08 20.77 -25.09
N MET A 704 9.85 20.48 -25.54
CA MET A 704 8.76 21.42 -25.38
C MET A 704 8.36 21.58 -23.91
N ILE A 705 8.33 20.47 -23.17
CA ILE A 705 7.90 20.55 -21.77
C ILE A 705 8.92 21.31 -20.93
N ALA A 706 10.20 21.26 -21.31
CA ALA A 706 11.24 21.85 -20.48
C ALA A 706 11.11 23.36 -20.37
N GLU A 707 10.74 24.05 -21.45
CA GLU A 707 10.62 25.50 -21.39
C GLU A 707 9.19 25.97 -21.66
N ILE A 708 8.22 25.34 -21.01
CA ILE A 708 6.84 25.81 -21.10
C ILE A 708 6.77 27.23 -20.55
N LYS A 709 6.05 28.09 -21.26
CA LYS A 709 5.99 29.51 -20.94
C LYS A 709 4.59 30.05 -21.24
N PHE A 710 4.36 31.29 -20.82
CA PHE A 710 3.09 31.95 -21.12
C PHE A 710 2.94 32.23 -22.61
N GLU A 711 4.05 32.49 -23.29
CA GLU A 711 3.99 32.77 -24.73
C GLU A 711 3.51 31.55 -25.50
N ASN A 712 3.92 30.36 -25.08
CA ASN A 712 3.46 29.13 -25.74
C ASN A 712 1.95 28.98 -25.61
N PHE A 713 1.41 29.29 -24.43
CA PHE A 713 -0.03 29.18 -24.24
C PHE A 713 -0.78 30.25 -25.01
N SER A 714 -0.23 31.47 -25.08
CA SER A 714 -0.93 32.59 -25.70
C SER A 714 -0.72 32.62 -27.21
N ASP A 715 0.53 32.74 -27.64
CA ASP A 715 0.88 32.91 -29.06
C ASP A 715 0.14 34.09 -29.68
N THR A 728 -6.41 27.93 -35.94
CA THR A 728 -6.61 29.20 -35.23
C THR A 728 -7.97 29.23 -34.55
N SER A 729 -8.68 28.11 -34.61
CA SER A 729 -10.00 28.02 -34.00
C SER A 729 -9.89 27.98 -32.48
N GLU A 730 -10.90 28.54 -31.81
CA GLU A 730 -10.93 28.50 -30.36
C GLU A 730 -11.16 27.09 -29.82
N ALA A 731 -11.65 26.17 -30.65
CA ALA A 731 -11.77 24.78 -30.30
C ALA A 731 -10.53 23.97 -30.69
N GLU A 732 -9.46 24.65 -31.09
CA GLU A 732 -8.21 24.00 -31.44
C GLU A 732 -7.05 24.42 -30.55
N ILE A 733 -6.86 25.72 -30.35
CA ILE A 733 -5.77 26.19 -29.49
C ILE A 733 -6.06 25.84 -28.04
N LYS A 734 -7.33 25.87 -27.64
CA LYS A 734 -7.69 25.50 -26.27
C LYS A 734 -7.35 24.04 -25.99
N ARG A 735 -7.69 23.15 -26.91
CA ARG A 735 -7.36 21.75 -26.72
C ARG A 735 -5.85 21.52 -26.75
N LYS A 736 -5.12 22.27 -27.57
CA LYS A 736 -3.66 22.16 -27.58
C LYS A 736 -3.08 22.56 -26.23
N ASN A 737 -3.51 23.69 -25.68
CA ASN A 737 -3.02 24.11 -24.38
C ASN A 737 -3.38 23.11 -23.30
N GLN A 738 -4.60 22.58 -23.34
CA GLN A 738 -4.99 21.55 -22.38
C GLN A 738 -4.11 20.32 -22.49
N ALA A 739 -3.79 19.91 -23.72
CA ALA A 739 -2.95 18.74 -23.92
C ALA A 739 -1.56 18.95 -23.35
N ILE A 740 -0.96 20.12 -23.60
CA ILE A 740 0.36 20.38 -23.05
C ILE A 740 0.32 20.40 -21.52
N ILE A 741 -0.71 21.03 -20.95
CA ILE A 741 -0.81 21.11 -19.49
C ILE A 741 -0.92 19.70 -18.90
N ARG A 742 -1.77 18.87 -19.49
CA ARG A 742 -1.99 17.53 -18.94
C ARG A 742 -0.76 16.66 -19.12
N LEU A 743 -0.06 16.79 -20.25
CA LEU A 743 1.17 16.02 -20.45
C LEU A 743 2.23 16.41 -19.43
N TYR A 744 2.41 17.70 -19.20
CA TYR A 744 3.38 18.17 -18.21
C TYR A 744 3.03 17.62 -16.83
N LEU A 745 1.76 17.75 -16.45
CA LEU A 745 1.34 17.28 -15.13
C LEU A 745 1.56 15.78 -14.99
N THR A 746 1.22 15.01 -16.02
CA THR A 746 1.39 13.57 -15.96
C THR A 746 2.86 13.19 -15.81
N VAL A 747 3.74 13.84 -16.57
CA VAL A 747 5.16 13.50 -16.51
C VAL A 747 5.71 13.76 -15.13
N MET A 748 5.47 14.97 -14.59
CA MET A 748 6.03 15.27 -13.27
C MET A 748 5.38 14.43 -12.18
N TYR A 749 4.09 14.13 -12.30
CA TYR A 749 3.43 13.28 -11.32
C TYR A 749 4.04 11.89 -11.31
N ILE A 750 4.28 11.32 -12.49
CA ILE A 750 4.88 9.99 -12.56
C ILE A 750 6.26 10.00 -11.91
N MET A 751 7.07 11.01 -12.25
CA MET A 751 8.42 11.08 -11.69
C MET A 751 8.39 11.16 -10.17
N LEU A 752 7.60 12.10 -9.62
CA LEU A 752 7.57 12.29 -8.18
C LEU A 752 7.00 11.06 -7.47
N LYS A 753 5.93 10.48 -8.01
CA LYS A 753 5.32 9.31 -7.39
C LYS A 753 6.29 8.14 -7.36
N ASN A 754 7.00 7.90 -8.45
CA ASN A 754 7.94 6.78 -8.47
C ASN A 754 9.11 7.02 -7.53
N LEU A 755 9.58 8.27 -7.42
CA LEU A 755 10.65 8.56 -6.47
C LEU A 755 10.18 8.29 -5.03
N VAL A 756 8.97 8.71 -4.70
CA VAL A 756 8.44 8.46 -3.36
C VAL A 756 8.29 6.97 -3.11
N ASN A 757 7.80 6.24 -4.10
CA ASN A 757 7.64 4.79 -3.95
C ASN A 757 8.99 4.11 -3.74
N VAL A 758 10.03 4.58 -4.42
CA VAL A 758 11.37 4.05 -4.22
C VAL A 758 11.84 4.32 -2.80
N ASN A 759 11.62 5.56 -2.31
CA ASN A 759 12.03 5.90 -0.95
C ASN A 759 11.30 5.06 0.09
N ALA A 760 10.07 4.63 -0.23
CA ALA A 760 9.32 3.79 0.70
C ALA A 760 10.06 2.50 1.03
N ARG A 761 10.80 1.94 0.06
CA ARG A 761 11.53 0.70 0.31
C ARG A 761 12.61 0.91 1.37
N TYR A 762 13.34 2.02 1.30
CA TYR A 762 14.36 2.27 2.31
C TYR A 762 13.74 2.63 3.65
N VAL A 763 12.54 3.23 3.64
CA VAL A 763 11.81 3.39 4.91
C VAL A 763 11.50 2.03 5.52
N ILE A 764 11.05 1.08 4.70
CA ILE A 764 10.85 -0.30 5.16
C ILE A 764 12.13 -0.84 5.76
N ALA A 765 13.24 -0.64 5.05
CA ALA A 765 14.51 -1.22 5.48
C ALA A 765 14.93 -0.68 6.83
N PHE A 766 14.80 0.63 7.05
CA PHE A 766 15.24 1.21 8.32
C PHE A 766 14.31 0.82 9.46
N HIS A 767 12.99 0.77 9.20
CA HIS A 767 12.09 0.28 10.23
C HIS A 767 12.42 -1.15 10.63
N CYS A 768 12.70 -1.99 9.63
CA CYS A 768 13.09 -3.37 9.91
C CYS A 768 14.38 -3.42 10.70
N VAL A 769 15.33 -2.54 10.37
CA VAL A 769 16.60 -2.51 11.09
C VAL A 769 16.37 -2.21 12.56
N GLU A 770 15.55 -1.20 12.85
CA GLU A 770 15.27 -0.86 14.25
C GLU A 770 14.57 -2.02 14.96
N ARG A 771 13.55 -2.59 14.32
CA ARG A 771 12.78 -3.66 14.96
C ARG A 771 13.66 -4.88 15.26
N ASP A 772 14.47 -5.28 14.29
CA ASP A 772 15.32 -6.44 14.49
C ASP A 772 16.47 -6.14 15.44
N THR A 773 16.92 -4.89 15.52
CA THR A 773 17.89 -4.53 16.56
C THR A 773 17.30 -4.77 17.94
N LYS A 774 16.07 -4.29 18.16
CA LYS A 774 15.43 -4.54 19.46
C LYS A 774 15.24 -6.03 19.71
N LEU A 775 14.79 -6.77 18.69
CA LEU A 775 14.53 -8.19 18.87
C LEU A 775 15.81 -8.97 19.17
N TYR A 776 16.89 -8.67 18.44
CA TYR A 776 18.16 -9.36 18.68
C TYR A 776 18.73 -9.00 20.04
N ALA A 777 18.58 -7.73 20.47
CA ALA A 777 19.02 -7.36 21.80
C ALA A 777 18.25 -8.12 22.86
N GLU A 778 16.94 -8.32 22.66
CA GLU A 778 16.16 -9.12 23.60
C GLU A 778 16.62 -10.58 23.55
N SER A 779 17.02 -11.06 22.38
CA SER A 779 17.37 -12.46 22.20
C SER A 779 18.69 -12.84 22.87
N GLY A 780 19.46 -11.87 23.35
CA GLY A 780 20.72 -12.16 24.01
C GLY A 780 21.97 -11.80 23.24
N LEU A 781 21.86 -11.04 22.15
CA LEU A 781 23.01 -10.62 21.36
C LEU A 781 23.40 -9.20 21.74
N GLU A 782 24.69 -8.99 22.00
CA GLU A 782 25.21 -7.67 22.35
C GLU A 782 25.27 -6.84 21.09
N VAL A 783 24.30 -5.95 20.91
CA VAL A 783 24.20 -5.16 19.69
C VAL A 783 24.66 -3.73 19.93
N GLY A 784 24.51 -3.25 21.16
CA GLY A 784 24.83 -1.88 21.47
C GLY A 784 23.75 -0.92 20.99
N ASN A 785 23.98 0.36 21.27
CA ASN A 785 23.01 1.37 20.87
C ASN A 785 23.03 1.55 19.35
N ILE A 786 21.86 1.85 18.80
CA ILE A 786 21.71 2.00 17.36
C ILE A 786 21.65 3.46 16.92
N GLU A 787 21.28 4.39 17.81
CA GLU A 787 21.18 5.79 17.41
C GLU A 787 22.53 6.35 16.99
N LYS A 788 23.59 5.99 17.72
CA LYS A 788 24.92 6.48 17.36
C LYS A 788 25.39 5.90 16.03
N ASN A 789 25.20 4.61 15.81
CA ASN A 789 25.62 3.95 14.59
C ASN A 789 24.51 3.01 14.12
N LYS A 790 24.01 3.23 12.91
CA LYS A 790 22.89 2.46 12.40
C LYS A 790 23.28 1.10 11.85
N THR A 791 24.59 0.82 11.75
CA THR A 791 25.07 -0.45 11.22
C THR A 791 25.57 -1.38 12.32
N ASN A 792 25.13 -1.18 13.56
CA ASN A 792 25.55 -2.06 14.64
C ASN A 792 24.91 -3.43 14.54
N LEU A 793 23.73 -3.52 13.91
CA LEU A 793 23.09 -4.83 13.73
C LEU A 793 23.97 -5.78 12.94
N THR A 794 24.52 -5.31 11.83
CA THR A 794 25.31 -6.18 10.97
C THR A 794 26.58 -6.66 11.67
N MET A 795 27.29 -5.74 12.34
CA MET A 795 28.49 -6.14 13.07
C MET A 795 28.15 -7.10 14.20
N ALA A 796 27.05 -6.86 14.92
CA ALA A 796 26.65 -7.75 15.99
C ALA A 796 26.32 -9.14 15.46
N VAL A 797 25.64 -9.19 14.31
CA VAL A 797 25.30 -10.48 13.71
C VAL A 797 26.56 -11.22 13.30
N MET A 798 27.49 -10.53 12.64
CA MET A 798 28.77 -11.16 12.33
C MET A 798 29.57 -11.47 13.58
N GLY A 799 29.61 -10.54 14.52
CA GLY A 799 30.47 -10.65 15.67
C GLY A 799 31.76 -9.87 15.58
N VAL A 800 31.78 -8.78 14.82
CA VAL A 800 32.95 -7.94 14.70
C VAL A 800 32.71 -6.65 15.49
N LYS A 801 33.80 -6.02 15.89
CA LYS A 801 33.75 -4.83 16.72
C LYS A 801 34.49 -3.69 16.05
N LEU A 802 34.06 -2.46 16.35
CA LEU A 802 34.71 -1.26 15.83
C LEU A 802 35.92 -0.94 16.71
N GLU A 803 37.00 -1.67 16.46
CA GLU A 803 38.24 -1.45 17.19
C GLU A 803 38.86 -0.13 16.76
N ASN A 804 38.76 0.88 17.64
CA ASN A 804 39.30 2.22 17.39
C ASN A 804 38.69 2.83 16.13
N GLY A 805 37.43 2.52 15.85
CA GLY A 805 36.71 3.15 14.76
C GLY A 805 36.67 2.38 13.46
N ILE A 806 37.52 1.37 13.29
CA ILE A 806 37.57 0.59 12.06
C ILE A 806 37.54 -0.90 12.40
N ILE A 807 37.14 -1.69 11.42
CA ILE A 807 37.04 -3.15 11.58
C ILE A 807 38.39 -3.73 11.21
N LYS A 808 39.21 -4.03 12.21
CA LYS A 808 40.54 -4.57 11.95
C LYS A 808 40.50 -6.05 11.58
N THR A 809 39.52 -6.79 12.08
CA THR A 809 39.46 -8.23 11.84
C THR A 809 39.21 -8.51 10.37
N GLU A 810 39.94 -9.49 9.83
CA GLU A 810 39.76 -9.90 8.45
C GLU A 810 38.81 -11.10 8.37
N PHE A 811 38.59 -11.59 7.16
CA PHE A 811 37.65 -12.67 6.97
C PHE A 811 38.24 -13.98 7.48
N ASP A 812 37.40 -14.78 8.13
CA ASP A 812 37.73 -16.14 8.52
C ASP A 812 36.48 -16.98 8.37
N LYS A 813 36.66 -18.24 7.97
CA LYS A 813 35.52 -19.12 7.79
C LYS A 813 34.79 -19.38 9.11
N SER A 814 35.50 -19.34 10.23
CA SER A 814 34.85 -19.55 11.51
C SER A 814 33.82 -18.47 11.80
N PHE A 815 34.14 -17.22 11.43
CA PHE A 815 33.18 -16.13 11.65
C PHE A 815 31.90 -16.35 10.87
N ALA A 816 32.01 -16.78 9.61
CA ALA A 816 30.83 -17.07 8.82
C ALA A 816 30.06 -18.26 9.38
N GLU A 817 30.78 -19.27 9.88
CA GLU A 817 30.12 -20.46 10.41
C GLU A 817 29.38 -20.19 11.71
N ASN A 818 29.66 -19.08 12.39
CA ASN A 818 29.03 -18.74 13.66
C ASN A 818 28.27 -17.42 13.57
N ALA A 819 27.64 -17.16 12.44
CA ALA A 819 26.83 -15.96 12.30
C ALA A 819 25.56 -16.08 13.13
N ALA A 820 24.94 -14.92 13.42
CA ALA A 820 23.74 -14.90 14.24
C ALA A 820 22.56 -15.52 13.51
N ASN A 821 22.47 -15.32 12.20
CA ASN A 821 21.35 -15.80 11.41
C ASN A 821 21.86 -16.57 10.19
N ARG A 822 20.96 -17.32 9.58
CA ARG A 822 21.31 -18.13 8.41
C ARG A 822 21.62 -17.27 7.19
N TYR A 823 21.22 -15.99 7.23
CA TYR A 823 21.47 -15.11 6.08
C TYR A 823 22.95 -14.93 5.83
N LEU A 824 23.74 -14.77 6.89
CA LEU A 824 25.16 -14.47 6.78
C LEU A 824 26.03 -15.71 6.99
N ARG A 825 25.50 -16.90 6.78
CA ARG A 825 26.25 -18.12 6.94
C ARG A 825 26.89 -18.61 5.64
N ASN A 826 26.75 -17.85 4.55
CA ASN A 826 27.46 -18.15 3.31
C ASN A 826 28.72 -17.31 3.26
N ALA A 827 29.84 -17.95 2.93
CA ALA A 827 31.14 -17.29 3.02
C ALA A 827 31.23 -16.09 2.08
N ARG A 828 30.76 -16.25 0.85
CA ARG A 828 30.96 -15.21 -0.16
C ARG A 828 30.23 -13.92 0.21
N TRP A 829 28.94 -14.03 0.57
CA TRP A 829 28.19 -12.83 0.91
C TRP A 829 28.63 -12.24 2.23
N TYR A 830 29.06 -13.08 3.17
CA TYR A 830 29.70 -12.57 4.38
C TYR A 830 30.90 -11.70 4.03
N LYS A 831 31.78 -12.20 3.16
CA LYS A 831 32.97 -11.45 2.79
C LYS A 831 32.60 -10.15 2.08
N LEU A 832 31.63 -10.22 1.17
CA LEU A 832 31.24 -9.02 0.42
C LEU A 832 30.67 -7.95 1.35
N ILE A 833 29.79 -8.36 2.26
CA ILE A 833 29.17 -7.37 3.14
C ILE A 833 30.19 -6.83 4.13
N LEU A 834 31.13 -7.66 4.59
CA LEU A 834 32.18 -7.17 5.46
C LEU A 834 33.07 -6.15 4.74
N ASP A 835 33.41 -6.44 3.48
CA ASP A 835 34.21 -5.49 2.70
C ASP A 835 33.46 -4.18 2.50
N ASN A 836 32.16 -4.26 2.24
CA ASN A 836 31.37 -3.03 2.13
C ASN A 836 31.31 -2.28 3.45
N LEU A 837 31.23 -3.00 4.56
CA LEU A 837 31.26 -2.36 5.87
C LEU A 837 32.56 -1.61 6.09
N LYS A 838 33.69 -2.22 5.72
CA LYS A 838 34.98 -1.55 5.90
C LYS A 838 35.12 -0.31 5.03
N LYS A 839 34.23 -0.13 4.05
CA LYS A 839 34.27 1.02 3.15
C LYS A 839 33.19 2.05 3.45
N SER A 840 32.51 1.93 4.59
CA SER A 840 31.41 2.81 4.94
C SER A 840 31.83 3.79 6.03
N GLU A 841 30.94 4.75 6.29
CA GLU A 841 31.18 5.79 7.28
C GLU A 841 29.92 5.95 8.14
N ARG A 842 30.13 6.16 9.44
CA ARG A 842 29.01 6.27 10.37
C ARG A 842 28.19 7.52 10.09
N ALA A 843 28.85 8.66 9.89
CA ALA A 843 28.13 9.91 9.64
C ALA A 843 27.33 9.84 8.34
N VAL A 844 27.92 9.25 7.30
CA VAL A 844 27.22 9.12 6.02
C VAL A 844 25.98 8.26 6.19
N VAL A 845 26.10 7.16 6.93
CA VAL A 845 24.95 6.27 7.14
C VAL A 845 23.86 7.00 7.92
N ASN A 846 24.24 7.75 8.96
CA ASN A 846 23.24 8.49 9.73
C ASN A 846 22.54 9.53 8.87
N GLU A 847 23.30 10.25 8.03
CA GLU A 847 22.69 11.25 7.15
C GLU A 847 21.76 10.58 6.13
N PHE A 848 22.16 9.42 5.62
CA PHE A 848 21.31 8.68 4.69
C PHE A 848 20.01 8.27 5.36
N ARG A 849 20.10 7.80 6.61
CA ARG A 849 18.89 7.42 7.34
C ARG A 849 17.97 8.62 7.55
N ASN A 850 18.54 9.76 7.93
CA ASN A 850 17.72 10.96 8.12
C ASN A 850 17.07 11.38 6.81
N THR A 851 17.82 11.34 5.71
CA THR A 851 17.27 11.71 4.41
C THR A 851 16.14 10.78 4.00
N VAL A 852 16.30 9.49 4.23
CA VAL A 852 15.26 8.53 3.87
C VAL A 852 14.01 8.74 4.72
N CYS A 853 14.20 8.92 6.03
CA CYS A 853 13.05 9.01 6.92
C CYS A 853 12.27 10.32 6.73
N HIS A 854 12.98 11.42 6.50
CA HIS A 854 12.33 12.71 6.34
C HIS A 854 12.08 13.08 4.88
N LEU A 855 12.44 12.21 3.94
CA LEU A 855 12.27 12.47 2.51
C LEU A 855 12.92 13.79 2.09
N ASN A 856 14.11 14.05 2.64
CA ASN A 856 14.81 15.28 2.30
C ASN A 856 15.26 15.28 0.84
N ALA A 857 15.60 14.12 0.30
CA ALA A 857 16.03 14.04 -1.10
C ALA A 857 14.92 14.46 -2.05
N ILE A 858 13.69 14.01 -1.78
CA ILE A 858 12.57 14.38 -2.63
C ILE A 858 12.22 15.85 -2.45
N ARG A 859 12.28 16.34 -1.20
CA ARG A 859 11.97 17.74 -0.95
C ARG A 859 12.96 18.66 -1.65
N ASN A 860 14.24 18.29 -1.64
CA ASN A 860 15.28 19.08 -2.27
C ASN A 860 15.59 18.61 -3.68
N ILE A 861 14.58 18.11 -4.41
CA ILE A 861 14.77 17.62 -5.76
C ILE A 861 15.23 18.73 -6.70
N ASN A 862 14.98 19.98 -6.33
CA ASN A 862 15.38 21.10 -7.20
C ASN A 862 16.89 21.13 -7.37
N ILE A 863 17.64 20.93 -6.29
CA ILE A 863 19.09 21.07 -6.34
C ILE A 863 19.76 19.73 -6.66
N ASN A 864 19.26 18.63 -6.12
CA ASN A 864 19.93 17.34 -6.23
C ASN A 864 19.89 16.75 -7.63
N ILE A 865 19.11 17.32 -8.55
CA ILE A 865 18.97 16.80 -9.90
C ILE A 865 19.59 17.73 -10.93
N LYS A 866 20.28 18.78 -10.48
CA LYS A 866 20.68 19.87 -11.38
C LYS A 866 21.63 19.39 -12.47
N GLU A 867 22.61 18.57 -12.12
CA GLU A 867 23.71 18.25 -13.02
C GLU A 867 23.78 16.75 -13.31
N ILE A 868 22.64 16.13 -13.59
CA ILE A 868 22.65 14.72 -13.98
C ILE A 868 22.90 14.62 -15.49
N LYS A 869 23.42 13.47 -15.91
CA LYS A 869 23.74 13.23 -17.31
C LYS A 869 22.75 12.32 -18.01
N GLU A 870 22.51 11.13 -17.45
CA GLU A 870 21.56 10.20 -18.05
C GLU A 870 20.92 9.39 -16.94
N VAL A 871 19.65 9.04 -17.14
CA VAL A 871 18.89 8.26 -16.17
C VAL A 871 18.55 6.93 -16.83
N GLU A 872 18.93 5.83 -16.18
CA GLU A 872 18.64 4.50 -16.71
C GLU A 872 17.45 3.83 -16.04
N ASN A 873 17.14 4.21 -14.80
CA ASN A 873 15.93 3.74 -14.12
C ASN A 873 15.71 4.63 -12.90
N TYR A 874 14.52 4.47 -12.31
CA TYR A 874 14.14 5.28 -11.16
C TYR A 874 15.05 5.01 -9.95
N PHE A 875 15.56 3.80 -9.83
CA PHE A 875 16.54 3.48 -8.80
C PHE A 875 17.77 4.37 -8.95
N ALA A 876 18.29 4.48 -10.18
CA ALA A 876 19.47 5.31 -10.43
C ALA A 876 19.20 6.77 -10.12
N LEU A 877 18.03 7.28 -10.53
CA LEU A 877 17.71 8.67 -10.26
C LEU A 877 17.61 8.94 -8.77
N TYR A 878 16.92 8.06 -8.04
CA TYR A 878 16.77 8.25 -6.60
C TYR A 878 18.11 8.22 -5.90
N HIS A 879 18.98 7.27 -6.28
CA HIS A 879 20.26 7.19 -5.59
C HIS A 879 21.20 8.31 -6.01
N TYR A 880 21.07 8.82 -7.23
CA TYR A 880 21.82 10.02 -7.59
C TYR A 880 21.38 11.21 -6.75
N LEU A 881 20.07 11.34 -6.54
CA LEU A 881 19.57 12.42 -5.69
C LEU A 881 20.13 12.29 -4.28
N ILE A 882 20.11 11.08 -3.72
CA ILE A 882 20.61 10.88 -2.37
C ILE A 882 22.11 11.15 -2.29
N GLN A 883 22.87 10.69 -3.28
CA GLN A 883 24.32 10.90 -3.26
C GLN A 883 24.64 12.39 -3.41
N LYS A 884 23.91 13.11 -4.24
CA LYS A 884 24.11 14.55 -4.36
C LYS A 884 23.81 15.25 -3.05
N HIS A 885 22.73 14.82 -2.37
CA HIS A 885 22.40 15.41 -1.07
C HIS A 885 23.51 15.14 -0.06
N LEU A 886 24.04 13.92 -0.04
CA LEU A 886 25.11 13.58 0.89
C LEU A 886 26.36 14.39 0.59
N GLU A 887 26.69 14.58 -0.69
CA GLU A 887 27.84 15.40 -1.05
C GLU A 887 27.63 16.84 -0.61
N ASN A 888 26.42 17.36 -0.77
CA ASN A 888 26.14 18.73 -0.38
C ASN A 888 26.26 18.91 1.13
N ARG A 889 25.77 17.94 1.91
CA ARG A 889 25.82 18.08 3.36
C ARG A 889 27.24 17.92 3.90
N PHE A 890 28.09 17.16 3.22
CA PHE A 890 29.45 16.91 3.67
C PHE A 890 30.47 17.74 2.93
N ALA A 891 30.04 18.76 2.18
CA ALA A 891 30.98 19.56 1.39
C ALA A 891 31.96 20.33 2.25
N ASP A 892 31.62 20.60 3.51
CA ASP A 892 32.47 21.39 4.40
C ASP A 892 32.85 20.60 5.65
N LYS A 893 32.97 19.28 5.53
CA LYS A 893 33.34 18.43 6.65
C LYS A 893 34.40 17.43 6.21
N LYS A 894 35.19 16.96 7.17
CA LYS A 894 36.22 15.97 6.91
C LYS A 894 35.59 14.59 6.85
N VAL A 895 35.80 13.88 5.75
CA VAL A 895 35.25 12.55 5.55
C VAL A 895 36.39 11.57 5.29
N GLU A 896 36.07 10.29 5.44
CA GLU A 896 37.05 9.24 5.21
C GLU A 896 37.40 9.16 3.72
N ARG A 897 38.48 8.44 3.43
CA ARG A 897 38.96 8.38 2.05
C ARG A 897 37.99 7.63 1.14
N ASP A 898 37.24 6.66 1.69
CA ASP A 898 36.29 5.93 0.88
C ASP A 898 35.12 6.83 0.47
N THR A 899 34.58 7.60 1.41
CA THR A 899 33.50 8.52 1.09
C THR A 899 33.98 9.59 0.11
N GLY A 900 35.20 10.09 0.29
CA GLY A 900 35.74 11.05 -0.65
C GLY A 900 35.90 10.48 -2.04
N ASP A 901 36.36 9.24 -2.13
CA ASP A 901 36.50 8.58 -3.43
C ASP A 901 35.13 8.43 -4.09
N PHE A 902 34.13 8.01 -3.31
CA PHE A 902 32.79 7.87 -3.86
C PHE A 902 32.24 9.19 -4.36
N ILE A 903 32.43 10.26 -3.58
CA ILE A 903 31.92 11.57 -3.98
C ILE A 903 32.64 12.07 -5.23
N SER A 904 33.96 11.87 -5.31
CA SER A 904 34.70 12.28 -6.49
C SER A 904 34.23 11.50 -7.72
N LYS A 905 34.00 10.20 -7.57
CA LYS A 905 33.50 9.40 -8.68
C LYS A 905 32.12 9.88 -9.13
N LEU A 906 31.24 10.18 -8.18
CA LEU A 906 29.91 10.68 -8.53
C LEU A 906 30.00 12.02 -9.26
N GLU A 907 30.88 12.91 -8.80
CA GLU A 907 31.03 14.20 -9.47
C GLU A 907 31.62 14.04 -10.86
N GLU A 908 32.59 13.13 -11.03
CA GLU A 908 33.24 12.98 -12.32
C GLU A 908 32.32 12.33 -13.35
N HIS A 909 31.63 11.25 -12.96
CA HIS A 909 30.77 10.55 -13.89
C HIS A 909 29.39 11.19 -14.02
N LYS A 910 29.02 12.07 -13.09
CA LYS A 910 27.71 12.73 -13.08
C LYS A 910 26.59 11.71 -13.13
N THR A 911 26.80 10.58 -12.44
CA THR A 911 25.82 9.51 -12.36
C THR A 911 26.03 8.81 -11.02
N TYR A 912 24.96 8.19 -10.51
CA TYR A 912 25.03 7.54 -9.21
C TYR A 912 26.08 6.44 -9.23
N CYS A 913 26.81 6.32 -8.12
CA CYS A 913 27.88 5.34 -7.97
C CYS A 913 27.32 4.12 -7.23
N LYS A 914 27.40 2.95 -7.87
CA LYS A 914 26.85 1.74 -7.28
C LYS A 914 27.62 1.31 -6.05
N ASP A 915 28.94 1.54 -6.03
CA ASP A 915 29.73 1.20 -4.85
C ASP A 915 29.29 2.01 -3.64
N PHE A 916 28.95 3.29 -3.85
CA PHE A 916 28.42 4.11 -2.77
C PHE A 916 27.11 3.53 -2.24
N VAL A 917 26.25 3.05 -3.14
CA VAL A 917 25.01 2.42 -2.73
C VAL A 917 25.29 1.19 -1.88
N LYS A 918 26.25 0.37 -2.30
CA LYS A 918 26.64 -0.78 -1.49
C LYS A 918 27.21 -0.35 -0.15
N ALA A 919 27.83 0.83 -0.11
CA ALA A 919 28.47 1.30 1.12
C ALA A 919 27.45 1.76 2.15
N TYR A 920 26.58 2.70 1.79
CA TYR A 920 25.69 3.30 2.78
C TYR A 920 24.42 2.48 3.02
N CYS A 921 24.23 1.37 2.32
CA CYS A 921 23.10 0.47 2.57
C CYS A 921 23.51 -0.73 3.41
N THR A 922 24.72 -0.71 3.98
CA THR A 922 25.21 -1.80 4.81
C THR A 922 24.44 -2.05 6.11
N PRO A 923 23.69 -1.09 6.69
CA PRO A 923 22.90 -1.45 7.89
C PRO A 923 21.92 -2.57 7.65
N PHE A 924 21.40 -2.73 6.43
CA PHE A 924 20.49 -3.81 6.12
C PHE A 924 21.21 -5.10 5.76
N GLY A 925 22.53 -5.16 5.98
CA GLY A 925 23.31 -6.31 5.58
C GLY A 925 22.97 -7.60 6.29
N TYR A 926 22.41 -7.51 7.51
CA TYR A 926 22.05 -8.73 8.23
C TYR A 926 20.97 -9.50 7.50
N ASN A 927 20.13 -8.82 6.72
CA ASN A 927 19.14 -9.46 5.86
C ASN A 927 19.70 -9.46 4.45
N LEU A 928 20.22 -10.61 4.02
CA LEU A 928 20.95 -10.68 2.76
C LEU A 928 20.03 -10.38 1.57
N VAL A 929 18.82 -10.92 1.58
CA VAL A 929 17.91 -10.71 0.45
C VAL A 929 17.53 -9.24 0.33
N ARG A 930 17.22 -8.60 1.45
CA ARG A 930 16.89 -7.18 1.42
C ARG A 930 18.08 -6.34 0.97
N TYR A 931 19.28 -6.68 1.45
CA TYR A 931 20.47 -5.95 1.04
C TYR A 931 20.68 -6.08 -0.47
N LYS A 932 20.57 -7.29 -1.00
CA LYS A 932 20.72 -7.48 -2.44
C LYS A 932 19.67 -6.69 -3.20
N ASN A 933 18.42 -6.75 -2.75
CA ASN A 933 17.34 -6.06 -3.46
C ASN A 933 17.53 -4.55 -3.43
N LEU A 934 18.10 -4.02 -2.37
CA LEU A 934 18.22 -2.58 -2.22
C LEU A 934 19.59 -2.03 -2.63
N THR A 935 20.53 -2.87 -3.05
CA THR A 935 21.82 -2.37 -3.52
C THR A 935 22.02 -2.56 -5.02
N ILE A 936 21.89 -3.77 -5.54
CA ILE A 936 22.19 -4.02 -6.94
C ILE A 936 20.97 -3.62 -7.79
N ASP A 937 21.22 -2.79 -8.80
CA ASP A 937 20.16 -2.39 -9.71
C ASP A 937 19.74 -3.57 -10.59
N GLY A 938 18.45 -3.60 -10.93
CA GLY A 938 17.88 -4.68 -11.69
C GLY A 938 17.13 -5.70 -10.87
N LEU A 939 17.39 -5.74 -9.56
CA LEU A 939 16.64 -6.59 -8.65
C LEU A 939 15.77 -5.77 -7.70
N PHE A 940 15.81 -4.44 -7.80
CA PHE A 940 15.08 -3.60 -6.86
C PHE A 940 13.57 -3.65 -7.10
N ASP A 941 13.16 -3.56 -8.37
CA ASP A 941 11.76 -3.46 -8.73
C ASP A 941 11.31 -4.76 -9.38
N LYS A 942 10.20 -5.30 -8.88
CA LYS A 942 9.65 -6.53 -9.45
C LYS A 942 9.04 -6.31 -10.82
N ASN A 943 8.66 -5.08 -11.15
CA ASN A 943 8.08 -4.78 -12.44
C ASN A 943 9.13 -4.60 -13.54
N TYR A 944 10.39 -4.42 -13.18
CA TYR A 944 11.49 -4.30 -14.13
C TYR A 944 12.57 -5.31 -13.75
N PRO A 945 12.34 -6.59 -14.03
CA PRO A 945 13.34 -7.61 -13.67
C PRO A 945 14.60 -7.51 -14.51
N GLY A 946 15.68 -7.05 -13.90
CA GLY A 946 16.97 -6.96 -14.55
C GLY A 946 17.83 -8.18 -14.30
N LYS A 947 19.12 -8.02 -14.56
CA LYS A 947 20.10 -9.08 -14.35
C LYS A 947 20.94 -8.78 -13.12
N ASP A 948 21.42 -9.85 -12.48
CA ASP A 948 22.26 -9.71 -11.28
C ASP A 948 23.66 -9.29 -11.70
N ASP A 949 24.11 -8.15 -11.17
CA ASP A 949 25.44 -7.65 -11.51
C ASP A 949 26.55 -8.41 -10.79
N SER A 950 26.30 -8.86 -9.57
CA SER A 950 27.31 -9.57 -8.80
C SER A 950 27.59 -10.96 -9.38
MG MG D . 6.10 -12.43 4.34
#